data_8UUJ
#
_entry.id   8UUJ
#
_cell.length_a   1.00
_cell.length_b   1.00
_cell.length_c   1.00
_cell.angle_alpha   90.00
_cell.angle_beta   90.00
_cell.angle_gamma   90.00
#
_symmetry.space_group_name_H-M   'P 1'
#
loop_
_entity.id
_entity.type
_entity.pdbx_description
1 polymer 'Guanine nucleotide-binding protein G(i) subunit alpha-1'
2 polymer scFv16
3 polymer 'Hydroxycarboxylic acid receptor 2'
4 polymer 'Guanine nucleotide-binding protein G(I)/G(S)/G(T) subunit beta-1'
5 polymer 'Guanine nucleotide-binding protein G(I)/G(S)/G(O) subunit gamma-2'
6 non-polymer (3M,4aR,5aR)-3-(1H-tetrazol-5-yl)-4,4a,5,5a-tetrahydro-1H-cyclopropa[4,5]cyclopenta[1,2-c]pyrazole
#
loop_
_entity_poly.entity_id
_entity_poly.type
_entity_poly.pdbx_seq_one_letter_code
_entity_poly.pdbx_strand_id
1 'polypeptide(L)'
;MGCTLSAEDKAAVERSKMIDRNLREDGEKAAREVKLLLLGAGESGKSTIVKQMKIIHEAGYSEEECKQYKAVVYSNTIQS
IIAIIRAMGRLKIDFGDSARADDARQLFVLAGAAEEGFMTAELAGVIKRLWKDSGVQACFNRSREYQLNDSAAYYLNDLD
RIAQPNYIPTQQDVLRTRVKTTGIVETHFTFKDLHFKMFDVGAQRSERKKWIHCFEGVTAIIFCVALSDYDLVLAEDEEM
NRMHESMKLFDSICNNKWFTDTSIILFLNKKDLFEEKIKKSPLTICYPEYAGSNTYEEAAAYIQCQFEDLNKRKDTKEIY
THFTCSTDTKNVQFVFDAVTDVIIKNNLKDCGLF
;
A
2 'polypeptide(L)'
;DVQLVESGGGLVQPGGSRKLSCSASGFAFSSFGMHWVRQAPEKGLEWVAYISSGSGTIYYADTVKGRFTISRDDPKNTLF
LQMTSLRSEDTAMYYCVRSIYYYGSSPFDFWGQGTTLTVSSGGGGSGGGGSGGGGSDIVMTQATSSVPVTPGESVSISCR
SSKSLLHSNGNTYLYWFLQRPGQSPQLLIYRMSNLASGVPDRFSGSGSGTAFTLTISRLEAEDVGVYYCMQHLEYPLTFG
AGTKLELKAAALEVLFQGPHHHHHHHH
;
D
3 'polypeptide(L)'
;GGTTMSKSDHFLVINGKNCCVFRDENIAKVLPPVLGLEFVFGLLGNGLALWIFCFHLKSWKSSRIFLFNLAVADFLLIIC
LPFLTDNYVHNWDWRFGGIPCRVMLFMLAMNKQGSIIFLTVVAVARYFRVVHPHHFLNKISNRTAAIISCFLWGLTIGLT
VHLLYTNMMTKNGEAYLCSSFSICYNFRWHDAMFLLEFFLPLAIILFCSGRIIWSLRQRQMDRHAKIKRAINFIMVVAIV
FIICFLPSVAVRIRIFWLLYKYNVRNCDIYSSVDLAFFTTLSFTYMNSMLDPVVYYFSSPSFPNFFSTCINRCLRKKTLG
EPDNNRSTSVELTGDPSTTRSIPGALMADPSEPGSPPYLASTSR
;
R
4 'polypeptide(L)'
;MHHHHHHLEVLFQGPGSSGSELDQLRQEAEQLKNQIRDARKACADATLSQITNNIDPVGRIQMRTRRTLRGHLAKIYAMH
WGTDSRLLVSASQDGKLIIWDSYTTNKVHAIPLRSSWVMTCAYAPSGNYVACGGLDNICSIYNLKTREGNVRVSRELAGH
TGYLSCCRFLDDNQIVTSSGDTTCALWDIETGQQTTTFTGHTGDVMSLSLAPDTRLFVSGACDASAKLWDVREGMCRQTF
TGHESDINAICFFPNGNAFATGSDDATCRLFDLRADQELMTYSHDNIICGITSVSFSKSGRLLLAGYDDFNCNVWDALKA
DRAGVLAGHDNRVSCLGVTDDGMAVATGSWDSFLKIWN
;
B
5 'polypeptide(L)' MASNNTASIAQARKLVEQLKMEANIDRIKVSKAAADLMAYCEAHAKEDPLLTPVPASENPFREKKFFCAIL C
#
loop_
_chem_comp.id
_chem_comp.type
_chem_comp.name
_chem_comp.formula
XI9 non-polymer (3M,4aR,5aR)-3-(1H-tetrazol-5-yl)-4,4a,5,5a-tetrahydro-1H-cyclopropa[4,5]cyclopenta[1,2-c]pyrazole 'C8 H8 N6'
#
# COMPACT_ATOMS: atom_id res chain seq x y z
N THR A 4 -4.06 -25.44 -11.30
CA THR A 4 -3.12 -26.39 -10.72
C THR A 4 -1.70 -25.85 -10.85
N LEU A 5 -1.15 -25.38 -9.72
CA LEU A 5 0.20 -24.83 -9.71
C LEU A 5 1.25 -25.93 -9.72
N SER A 6 2.39 -25.63 -10.32
CA SER A 6 3.55 -26.49 -10.24
C SER A 6 4.31 -26.22 -8.95
N ALA A 7 5.26 -27.11 -8.63
CA ALA A 7 5.98 -27.00 -7.37
C ALA A 7 6.69 -25.66 -7.26
N GLU A 8 7.37 -25.24 -8.33
CA GLU A 8 8.04 -23.96 -8.33
C GLU A 8 7.07 -22.79 -8.18
N ASP A 9 5.89 -22.90 -8.79
CA ASP A 9 4.87 -21.85 -8.60
C ASP A 9 4.45 -21.76 -7.14
N LYS A 10 4.26 -22.90 -6.48
CA LYS A 10 3.90 -22.87 -5.07
C LYS A 10 5.00 -22.26 -4.22
N ALA A 11 6.27 -22.59 -4.53
CA ALA A 11 7.37 -21.99 -3.79
C ALA A 11 7.41 -20.48 -3.99
N ALA A 12 7.15 -20.02 -5.21
CA ALA A 12 7.10 -18.58 -5.46
C ALA A 12 5.98 -17.92 -4.66
N VAL A 13 4.82 -18.57 -4.60
CA VAL A 13 3.71 -18.03 -3.81
C VAL A 13 4.10 -17.94 -2.35
N GLU A 14 4.78 -18.96 -1.83
CA GLU A 14 5.23 -18.93 -0.45
C GLU A 14 6.18 -17.76 -0.19
N ARG A 15 7.13 -17.54 -1.11
CA ARG A 15 8.04 -16.42 -0.94
C ARG A 15 7.31 -15.09 -1.00
N SER A 16 6.31 -14.98 -1.88
CA SER A 16 5.51 -13.76 -1.96
C SER A 16 4.77 -13.51 -0.64
N LYS A 17 4.26 -14.57 -0.02
CA LYS A 17 3.58 -14.40 1.26
C LYS A 17 4.55 -13.98 2.36
N MET A 18 5.76 -14.52 2.35
CA MET A 18 6.77 -14.04 3.30
C MET A 18 7.06 -12.55 3.09
N ILE A 19 7.17 -12.12 1.84
CA ILE A 19 7.37 -10.71 1.54
C ILE A 19 6.21 -9.88 2.08
N ASP A 20 4.98 -10.37 1.89
CA ASP A 20 3.81 -9.66 2.42
C ASP A 20 3.90 -9.51 3.93
N ARG A 21 4.30 -10.58 4.62
CA ARG A 21 4.42 -10.52 6.07
C ARG A 21 5.43 -9.47 6.50
N ASN A 22 6.58 -9.44 5.84
CA ASN A 22 7.58 -8.44 6.18
C ASN A 22 7.08 -7.02 5.91
N LEU A 23 6.38 -6.82 4.79
CA LEU A 23 5.84 -5.49 4.50
C LEU A 23 4.84 -5.06 5.55
N ARG A 24 3.97 -5.97 6.00
CA ARG A 24 3.01 -5.62 7.04
C ARG A 24 3.72 -5.27 8.33
N GLU A 25 4.75 -6.01 8.70
CA GLU A 25 5.49 -5.70 9.92
C GLU A 25 6.11 -4.31 9.83
N ASP A 26 6.72 -3.99 8.68
CA ASP A 26 7.32 -2.67 8.51
C ASP A 26 6.27 -1.56 8.57
N GLY A 27 5.11 -1.79 7.96
CA GLY A 27 4.05 -0.79 8.04
C GLY A 27 3.57 -0.56 9.44
N GLU A 28 3.44 -1.64 10.22
CA GLU A 28 3.06 -1.50 11.62
C GLU A 28 4.09 -0.68 12.38
N LYS A 29 5.38 -0.94 12.14
CA LYS A 29 6.41 -0.17 12.82
C LYS A 29 6.34 1.30 12.42
N ALA A 30 6.12 1.58 11.13
CA ALA A 30 6.13 2.96 10.65
C ALA A 30 4.92 3.74 11.13
N ALA A 31 3.77 3.08 11.25
CA ALA A 31 2.57 3.80 11.68
C ALA A 31 2.71 4.33 13.09
N ARG A 32 3.45 3.63 13.95
CA ARG A 32 3.66 4.05 15.33
C ARG A 32 4.84 5.02 15.43
N GLU A 33 4.75 6.10 14.64
CA GLU A 33 5.83 7.08 14.57
C GLU A 33 5.23 8.43 14.27
N VAL A 34 5.86 9.46 14.83
CA VAL A 34 5.40 10.84 14.69
C VAL A 34 6.28 11.54 13.68
N LYS A 35 5.67 12.08 12.63
CA LYS A 35 6.40 12.73 11.55
C LYS A 35 6.26 14.24 11.66
N LEU A 36 7.39 14.93 11.62
CA LEU A 36 7.46 16.38 11.75
C LEU A 36 8.21 16.96 10.57
N LEU A 37 7.65 18.00 9.97
CA LEU A 37 8.32 18.75 8.91
C LEU A 37 8.85 20.05 9.48
N LEU A 38 10.17 20.22 9.46
CA LEU A 38 10.82 21.36 10.07
C LEU A 38 11.08 22.41 9.00
N LEU A 39 10.41 23.56 9.11
CA LEU A 39 10.59 24.67 8.20
C LEU A 39 11.03 25.90 8.98
N GLY A 40 11.72 26.80 8.28
CA GLY A 40 12.16 28.03 8.90
C GLY A 40 12.96 28.85 7.92
N ALA A 41 13.03 30.15 8.21
CA ALA A 41 13.80 31.06 7.38
C ALA A 41 15.29 30.84 7.61
N GLY A 42 16.10 31.37 6.70
CA GLY A 42 17.54 31.29 6.86
C GLY A 42 17.98 31.93 8.16
N GLU A 43 18.82 31.21 8.91
CA GLU A 43 19.32 31.65 10.20
C GLU A 43 18.19 31.82 11.22
N SER A 44 17.06 31.13 11.02
CA SER A 44 15.94 31.22 11.95
C SER A 44 16.20 30.51 13.27
N GLY A 45 17.30 29.75 13.37
CA GLY A 45 17.61 29.03 14.59
C GLY A 45 17.10 27.61 14.63
N LYS A 46 16.53 27.10 13.53
CA LYS A 46 16.03 25.74 13.54
C LYS A 46 17.14 24.73 13.86
N SER A 47 18.40 25.11 13.62
CA SER A 47 19.50 24.26 14.04
C SER A 47 19.54 24.09 15.56
N THR A 48 19.22 25.15 16.31
CA THR A 48 19.16 25.02 17.76
C THR A 48 18.08 24.02 18.17
N ILE A 49 16.91 24.11 17.56
CA ILE A 49 15.85 23.15 17.86
C ILE A 49 16.32 21.74 17.54
N VAL A 50 16.93 21.55 16.37
CA VAL A 50 17.43 20.22 16.00
C VAL A 50 18.43 19.73 17.04
N LYS A 51 19.16 20.67 17.65
CA LYS A 51 20.07 20.28 18.75
C LYS A 51 19.23 19.87 19.96
N GLN A 52 18.26 20.71 20.36
CA GLN A 52 17.42 20.42 21.56
C GLN A 52 16.61 19.15 21.31
N MET A 53 16.09 18.97 20.10
CA MET A 53 15.33 17.73 19.77
C MET A 53 16.30 16.55 19.70
N THR A 182 22.88 16.27 0.89
CA THR A 182 22.69 17.67 0.55
C THR A 182 21.26 17.95 0.09
N GLY A 183 20.37 16.99 0.36
CA GLY A 183 18.96 17.14 0.01
C GLY A 183 18.10 17.28 1.24
N ILE A 184 17.44 16.18 1.62
CA ILE A 184 16.59 16.13 2.79
C ILE A 184 17.42 15.59 3.95
N VAL A 185 17.22 16.15 5.14
CA VAL A 185 17.94 15.71 6.33
C VAL A 185 16.93 15.10 7.29
N GLU A 186 17.21 13.91 7.79
CA GLU A 186 16.31 13.16 8.66
C GLU A 186 16.96 13.01 10.02
N THR A 187 16.27 13.47 11.06
CA THR A 187 16.74 13.39 12.43
C THR A 187 15.76 12.55 13.25
N HIS A 188 16.29 11.57 13.98
CA HIS A 188 15.50 10.66 14.77
C HIS A 188 15.65 11.01 16.24
N PHE A 189 14.57 10.93 17.00
CA PHE A 189 14.70 10.98 18.44
C PHE A 189 13.50 10.29 19.10
N THR A 190 13.56 10.17 20.42
CA THR A 190 12.52 9.54 21.19
C THR A 190 12.21 10.37 22.43
N PHE A 191 10.97 10.29 22.88
CA PHE A 191 10.55 11.01 24.07
C PHE A 191 9.31 10.34 24.63
N LYS A 192 9.37 9.93 25.89
CA LYS A 192 8.25 9.26 26.56
C LYS A 192 7.79 8.05 25.75
N ASP A 193 8.73 7.28 25.24
CA ASP A 193 8.49 6.07 24.45
C ASP A 193 7.83 6.36 23.11
N LEU A 194 7.83 7.61 22.67
CA LEU A 194 7.27 8.00 21.39
C LEU A 194 8.40 8.37 20.44
N HIS A 195 8.39 7.81 19.24
CA HIS A 195 9.46 8.00 18.28
C HIS A 195 9.10 9.13 17.31
N PHE A 196 10.04 10.04 17.12
CA PHE A 196 9.87 11.20 16.26
C PHE A 196 10.89 11.18 15.13
N LYS A 197 10.38 11.41 13.92
CA LYS A 197 11.18 11.58 12.72
C LYS A 197 10.98 13.01 12.23
N MET A 198 12.05 13.81 12.22
CA MET A 198 11.99 15.19 11.79
C MET A 198 12.69 15.31 10.45
N PHE A 199 12.07 16.04 9.52
CA PHE A 199 12.57 16.16 8.16
C PHE A 199 12.85 17.64 7.88
N ASP A 200 14.08 17.95 7.53
CA ASP A 200 14.52 19.30 7.23
C ASP A 200 14.76 19.39 5.73
N VAL A 201 14.14 20.38 5.09
CA VAL A 201 14.15 20.54 3.64
C VAL A 201 14.74 21.89 3.24
N GLY A 202 15.43 22.57 4.16
CA GLY A 202 15.97 23.88 3.86
C GLY A 202 17.15 23.89 2.93
N ALA A 203 17.89 22.79 2.86
CA ALA A 203 18.99 22.68 1.92
C ALA A 203 18.57 22.38 0.52
N GLN A 204 17.26 22.21 0.31
CA GLN A 204 16.70 21.91 -1.04
C GLN A 204 16.05 23.19 -1.58
N ARG A 205 16.76 23.89 -2.46
CA ARG A 205 16.28 25.15 -3.03
C ARG A 205 15.77 24.88 -4.44
N SER A 206 14.48 24.61 -4.55
CA SER A 206 13.84 24.32 -5.82
C SER A 206 12.37 24.73 -5.70
N GLU A 207 11.59 24.36 -6.71
CA GLU A 207 10.17 24.71 -6.72
C GLU A 207 9.44 23.90 -5.66
N ARG A 208 9.09 24.56 -4.56
CA ARG A 208 8.44 23.86 -3.44
C ARG A 208 7.17 23.15 -3.88
N LYS A 209 6.46 23.70 -4.86
CA LYS A 209 5.17 23.15 -5.24
C LYS A 209 5.29 21.72 -5.77
N LYS A 210 6.49 21.28 -6.12
CA LYS A 210 6.69 20.01 -6.78
C LYS A 210 7.13 18.91 -5.83
N TRP A 211 7.38 19.22 -4.57
CA TRP A 211 7.71 18.15 -3.61
C TRP A 211 7.02 18.37 -2.27
N ILE A 212 6.26 19.46 -2.13
CA ILE A 212 5.62 19.72 -0.84
C ILE A 212 4.53 18.70 -0.55
N HIS A 213 3.80 18.26 -1.57
CA HIS A 213 2.78 17.24 -1.38
C HIS A 213 3.35 15.93 -0.85
N CYS A 214 4.66 15.72 -0.96
CA CYS A 214 5.27 14.54 -0.37
C CYS A 214 5.06 14.49 1.14
N PHE A 215 4.83 15.62 1.77
CA PHE A 215 4.70 15.69 3.22
C PHE A 215 3.25 15.84 3.67
N GLU A 216 2.30 15.68 2.77
CA GLU A 216 0.91 15.53 3.17
C GLU A 216 0.80 14.32 4.10
N GLY A 217 0.13 14.50 5.23
CA GLY A 217 0.01 13.44 6.21
C GLY A 217 1.06 13.47 7.29
N VAL A 218 2.06 14.37 7.19
CA VAL A 218 2.99 14.55 8.28
C VAL A 218 2.21 14.91 9.53
N THR A 219 2.67 14.42 10.68
CA THR A 219 1.92 14.65 11.91
C THR A 219 1.86 16.13 12.25
N ALA A 220 2.96 16.86 12.07
CA ALA A 220 2.91 18.30 12.34
C ALA A 220 4.01 19.03 11.57
N ILE A 221 3.89 20.36 11.54
CA ILE A 221 4.90 21.23 10.96
C ILE A 221 5.49 22.08 12.09
N ILE A 222 6.81 22.04 12.24
CA ILE A 222 7.51 22.89 13.20
C ILE A 222 8.11 24.05 12.42
N PHE A 223 7.59 25.25 12.67
CA PHE A 223 8.01 26.46 11.96
C PHE A 223 8.83 27.34 12.91
N CYS A 224 10.06 27.63 12.51
CA CYS A 224 10.98 28.40 13.34
C CYS A 224 11.12 29.81 12.78
N VAL A 225 10.94 30.82 13.66
CA VAL A 225 11.08 32.22 13.29
C VAL A 225 11.98 32.89 14.32
N ALA A 226 12.99 33.62 13.85
CA ALA A 226 13.90 34.33 14.73
C ALA A 226 13.33 35.70 15.08
N LEU A 227 13.15 35.95 16.37
CA LEU A 227 12.61 37.23 16.82
C LEU A 227 13.60 38.36 16.68
N SER A 228 14.89 38.07 16.60
CA SER A 228 15.90 39.10 16.41
C SER A 228 15.97 39.60 14.98
N ASP A 229 15.12 39.10 14.09
CA ASP A 229 15.19 39.39 12.66
C ASP A 229 14.32 40.57 12.26
N TYR A 230 13.65 41.23 13.21
CA TYR A 230 12.68 42.26 12.86
C TYR A 230 13.33 43.46 12.19
N ASP A 231 14.57 43.78 12.56
CA ASP A 231 15.25 44.98 12.08
C ASP A 231 16.41 44.66 11.15
N LEU A 232 16.42 43.48 10.55
CA LEU A 232 17.50 43.04 9.68
C LEU A 232 16.98 42.75 8.28
N VAL A 233 17.84 42.94 7.29
CA VAL A 233 17.49 42.73 5.90
C VAL A 233 18.40 41.69 5.28
N ASN A 241 13.75 43.51 7.01
CA ASN A 241 12.53 42.96 6.42
C ASN A 241 12.54 41.43 6.46
N ARG A 242 13.53 40.86 7.14
CA ARG A 242 13.58 39.40 7.26
C ARG A 242 12.30 38.86 7.88
N MET A 243 11.75 39.57 8.86
CA MET A 243 10.52 39.13 9.49
C MET A 243 9.38 39.08 8.48
N HIS A 244 9.34 40.00 7.53
CA HIS A 244 8.32 39.95 6.49
C HIS A 244 8.50 38.75 5.57
N GLU A 245 9.74 38.38 5.25
CA GLU A 245 9.96 37.16 4.49
C GLU A 245 9.47 35.94 5.26
N SER A 246 9.75 35.89 6.56
CA SER A 246 9.26 34.80 7.37
C SER A 246 7.73 34.77 7.39
N MET A 247 7.09 35.94 7.50
CA MET A 247 5.64 35.99 7.50
C MET A 247 5.07 35.49 6.18
N LYS A 248 5.70 35.86 5.06
CA LYS A 248 5.23 35.39 3.76
C LYS A 248 5.35 33.89 3.65
N LEU A 249 6.48 33.33 4.09
CA LEU A 249 6.64 31.87 4.04
C LEU A 249 5.62 31.18 4.94
N PHE A 250 5.37 31.73 6.12
CA PHE A 250 4.39 31.15 7.03
C PHE A 250 2.99 31.19 6.43
N ASP A 251 2.65 32.31 5.77
CA ASP A 251 1.35 32.39 5.13
C ASP A 251 1.22 31.38 4.00
N SER A 252 2.30 31.20 3.22
CA SER A 252 2.27 30.22 2.14
C SER A 252 2.07 28.81 2.68
N ILE A 253 2.78 28.46 3.75
CA ILE A 253 2.72 27.09 4.25
C ILE A 253 1.41 26.84 4.98
N CYS A 254 1.01 27.76 5.86
CA CYS A 254 -0.16 27.55 6.70
C CYS A 254 -1.41 27.39 5.85
N ASN A 255 -1.58 28.23 4.83
CA ASN A 255 -2.76 28.21 3.98
C ASN A 255 -2.59 27.30 2.77
N ASN A 256 -1.56 26.46 2.76
CA ASN A 256 -1.34 25.55 1.66
C ASN A 256 -2.46 24.52 1.60
N LYS A 257 -2.82 24.12 0.37
CA LYS A 257 -3.91 23.17 0.20
C LYS A 257 -3.56 21.79 0.71
N TRP A 258 -2.28 21.47 0.82
CA TRP A 258 -1.84 20.16 1.30
C TRP A 258 -1.82 20.06 2.80
N PHE A 259 -1.96 21.18 3.52
CA PHE A 259 -1.81 21.24 4.97
C PHE A 259 -3.03 21.95 5.55
N THR A 260 -4.20 21.65 5.01
CA THR A 260 -5.44 22.23 5.53
C THR A 260 -5.80 21.73 6.92
N ASP A 261 -5.45 20.49 7.25
CA ASP A 261 -5.73 19.92 8.57
C ASP A 261 -4.46 19.61 9.36
N THR A 262 -3.31 20.13 8.94
CA THR A 262 -2.03 19.88 9.60
C THR A 262 -1.74 21.05 10.53
N SER A 263 -1.36 20.74 11.77
CA SER A 263 -1.12 21.76 12.76
C SER A 263 0.33 22.20 12.75
N ILE A 264 0.56 23.39 13.31
CA ILE A 264 1.85 24.06 13.28
C ILE A 264 2.28 24.34 14.71
N ILE A 265 3.49 23.92 15.05
CA ILE A 265 4.18 24.31 16.28
C ILE A 265 5.14 25.43 15.90
N LEU A 266 4.89 26.62 16.41
CA LEU A 266 5.63 27.81 16.03
C LEU A 266 6.63 28.16 17.11
N PHE A 267 7.92 28.05 16.80
CA PHE A 267 9.00 28.36 17.71
C PHE A 267 9.54 29.74 17.39
N LEU A 268 9.37 30.67 18.33
CA LEU A 268 9.90 32.02 18.21
C LEU A 268 11.22 32.07 18.97
N ASN A 269 12.32 32.09 18.23
CA ASN A 269 13.66 31.89 18.78
C ASN A 269 14.34 33.22 19.09
N LYS A 270 15.43 33.12 19.84
CA LYS A 270 16.30 34.27 20.13
C LYS A 270 15.51 35.38 20.83
N LYS A 271 15.00 35.07 22.01
CA LYS A 271 14.25 36.05 22.79
C LYS A 271 15.16 36.92 23.65
N ASP A 272 16.34 36.43 24.04
CA ASP A 272 17.27 37.27 24.78
C ASP A 272 17.87 38.35 23.89
N LEU A 273 18.35 37.98 22.71
CA LEU A 273 18.82 38.97 21.75
C LEU A 273 17.68 39.91 21.38
N PHE A 274 16.46 39.41 21.31
CA PHE A 274 15.31 40.25 21.02
C PHE A 274 15.10 41.27 22.14
N GLU A 275 15.22 40.84 23.39
CA GLU A 275 15.07 41.77 24.50
C GLU A 275 16.13 42.87 24.43
N GLU A 276 17.38 42.48 24.17
CA GLU A 276 18.44 43.47 24.03
C GLU A 276 18.12 44.47 22.93
N LYS A 277 17.82 43.96 21.73
CA LYS A 277 17.61 44.85 20.59
C LYS A 277 16.38 45.73 20.78
N ILE A 278 15.30 45.18 21.33
CA ILE A 278 14.10 45.98 21.54
C ILE A 278 14.37 47.06 22.58
N LYS A 279 15.20 46.77 23.59
CA LYS A 279 15.62 47.83 24.49
C LYS A 279 16.39 48.90 23.74
N LYS A 280 17.22 48.50 22.78
CA LYS A 280 18.02 49.47 22.03
C LYS A 280 17.36 49.99 20.75
N SER A 281 16.43 49.23 20.16
CA SER A 281 15.81 49.61 18.89
C SER A 281 14.30 49.41 18.94
N PRO A 282 13.52 50.19 18.19
CA PRO A 282 12.06 50.06 18.28
C PRO A 282 11.52 48.93 17.42
N LEU A 283 10.31 48.50 17.76
CA LEU A 283 9.62 47.49 16.94
C LEU A 283 9.00 48.08 15.69
N THR A 284 8.81 49.41 15.66
CA THR A 284 8.14 50.03 14.53
C THR A 284 8.91 49.87 13.23
N ILE A 285 10.19 49.50 13.29
CA ILE A 285 10.94 49.29 12.06
C ILE A 285 10.30 48.19 11.24
N CYS A 286 9.88 47.11 11.89
CA CYS A 286 9.22 46.01 11.21
C CYS A 286 7.72 46.23 11.05
N TYR A 287 7.07 46.81 12.06
CA TYR A 287 5.62 47.03 12.07
C TYR A 287 5.37 48.52 12.27
N PRO A 288 5.30 49.31 11.20
CA PRO A 288 5.10 50.75 11.38
C PRO A 288 3.81 51.10 12.09
N GLU A 289 2.80 50.22 12.04
CA GLU A 289 1.53 50.48 12.68
C GLU A 289 1.52 50.07 14.16
N TYR A 290 2.62 49.52 14.68
CA TYR A 290 2.63 49.05 16.05
C TYR A 290 2.45 50.20 17.02
N ALA A 291 1.58 49.99 18.01
CA ALA A 291 1.34 50.97 19.06
C ALA A 291 1.31 50.26 20.40
N GLY A 292 2.12 50.75 21.34
CA GLY A 292 2.23 50.13 22.64
C GLY A 292 3.62 50.22 23.20
N SER A 293 3.82 49.70 24.40
CA SER A 293 5.13 49.80 25.04
C SER A 293 6.19 49.13 24.20
N ASN A 294 7.35 49.79 24.09
CA ASN A 294 8.48 49.23 23.35
C ASN A 294 9.32 48.35 24.28
N THR A 295 8.61 47.44 24.95
CA THR A 295 9.21 46.53 25.92
C THR A 295 9.10 45.10 25.39
N TYR A 296 9.72 44.17 26.12
CA TYR A 296 9.80 42.79 25.65
C TYR A 296 8.42 42.17 25.53
N GLU A 297 7.62 42.25 26.60
CA GLU A 297 6.38 41.49 26.64
C GLU A 297 5.41 41.92 25.54
N GLU A 298 5.12 43.22 25.45
CA GLU A 298 4.16 43.68 24.46
C GLU A 298 4.65 43.45 23.04
N ALA A 299 5.93 43.71 22.79
CA ALA A 299 6.47 43.48 21.46
C ALA A 299 6.40 42.01 21.06
N ALA A 300 6.80 41.12 21.96
CA ALA A 300 6.77 39.69 21.66
C ALA A 300 5.34 39.22 21.43
N ALA A 301 4.39 39.69 22.25
CA ALA A 301 3.01 39.32 22.03
C ALA A 301 2.52 39.85 20.69
N TYR A 302 2.97 41.05 20.30
CA TYR A 302 2.57 41.60 19.01
C TYR A 302 3.05 40.72 17.87
N ILE A 303 4.31 40.29 17.91
CA ILE A 303 4.80 39.39 16.87
C ILE A 303 4.01 38.08 16.87
N GLN A 304 3.73 37.54 18.07
CA GLN A 304 2.99 36.29 18.13
C GLN A 304 1.64 36.41 17.45
N CYS A 305 0.87 37.45 17.80
CA CYS A 305 -0.45 37.57 17.21
C CYS A 305 -0.36 37.91 15.73
N GLN A 306 0.65 38.68 15.31
CA GLN A 306 0.82 38.94 13.89
C GLN A 306 1.01 37.65 13.12
N PHE A 307 1.82 36.73 13.64
CA PHE A 307 2.00 35.44 12.98
C PHE A 307 0.74 34.58 13.07
N GLU A 308 0.00 34.68 14.18
CA GLU A 308 -1.16 33.82 14.38
C GLU A 308 -2.35 34.24 13.52
N ASP A 309 -2.44 35.52 13.17
CA ASP A 309 -3.55 36.00 12.35
C ASP A 309 -3.38 35.70 10.87
N LEU A 310 -2.23 35.17 10.46
CA LEU A 310 -2.06 34.71 9.10
C LEU A 310 -2.81 33.41 8.81
N ASN A 311 -3.32 32.75 9.85
CA ASN A 311 -4.07 31.51 9.68
C ASN A 311 -5.49 31.87 9.24
N LYS A 312 -5.83 31.51 8.00
CA LYS A 312 -7.16 31.74 7.46
C LYS A 312 -8.07 30.55 7.61
N ARG A 313 -7.62 29.49 8.29
CA ARG A 313 -8.46 28.34 8.60
C ARG A 313 -8.37 28.10 10.11
N LYS A 314 -9.19 28.82 10.87
CA LYS A 314 -9.14 28.72 12.33
C LYS A 314 -10.09 27.67 12.87
N ASP A 315 -10.88 27.02 12.02
CA ASP A 315 -11.79 25.96 12.42
C ASP A 315 -11.27 24.58 12.03
N THR A 316 -10.07 24.50 11.47
CA THR A 316 -9.52 23.23 11.00
C THR A 316 -8.19 22.86 11.64
N LYS A 317 -7.30 23.83 11.85
CA LYS A 317 -5.97 23.56 12.40
C LYS A 317 -5.67 24.51 13.53
N GLU A 318 -4.62 24.19 14.28
CA GLU A 318 -4.19 24.97 15.43
C GLU A 318 -2.73 25.36 15.29
N ILE A 319 -2.38 26.50 15.90
CA ILE A 319 -1.00 26.97 15.98
C ILE A 319 -0.59 26.96 17.44
N TYR A 320 0.46 26.23 17.75
CA TYR A 320 1.00 26.16 19.11
C TYR A 320 2.30 26.95 19.15
N THR A 321 2.27 28.12 19.78
CA THR A 321 3.40 29.02 19.81
C THR A 321 4.17 28.87 21.11
N HIS A 322 5.49 28.68 21.00
CA HIS A 322 6.38 28.64 22.15
C HIS A 322 7.55 29.57 21.90
N PHE A 323 7.95 30.28 22.95
CA PHE A 323 9.14 31.13 22.92
C PHE A 323 10.32 30.33 23.44
N THR A 324 11.41 30.35 22.69
CA THR A 324 12.58 29.53 22.96
C THR A 324 13.82 30.40 23.03
N CYS A 325 14.91 29.79 23.49
CA CYS A 325 16.21 30.47 23.56
C CYS A 325 17.29 29.44 23.28
N SER A 326 18.54 29.90 23.29
CA SER A 326 19.66 29.03 22.95
C SER A 326 19.79 27.87 23.93
N THR A 327 19.68 28.15 25.23
CA THR A 327 19.82 27.15 26.27
C THR A 327 18.47 26.93 26.94
N ASP A 328 17.84 25.80 26.63
CA ASP A 328 16.50 25.51 27.11
C ASP A 328 16.33 23.99 27.17
N THR A 329 15.32 23.54 27.91
CA THR A 329 15.05 22.12 28.08
C THR A 329 13.60 21.73 27.89
N LYS A 330 12.68 22.68 27.73
CA LYS A 330 11.26 22.38 27.69
C LYS A 330 10.72 22.21 26.27
N ASN A 331 11.55 22.42 25.25
CA ASN A 331 11.05 22.40 23.88
C ASN A 331 10.53 21.02 23.49
N VAL A 332 11.23 19.96 23.89
CA VAL A 332 10.80 18.61 23.54
C VAL A 332 9.45 18.32 24.17
N GLN A 333 9.24 18.77 25.41
CA GLN A 333 7.94 18.61 26.05
C GLN A 333 6.86 19.39 25.31
N PHE A 334 7.19 20.59 24.82
CA PHE A 334 6.23 21.35 24.03
C PHE A 334 5.79 20.55 22.81
N VAL A 335 6.76 20.04 22.06
CA VAL A 335 6.44 19.29 20.85
C VAL A 335 5.63 18.05 21.18
N PHE A 336 6.01 17.35 22.26
CA PHE A 336 5.30 16.14 22.65
C PHE A 336 3.85 16.45 23.00
N ASP A 337 3.63 17.51 23.77
CA ASP A 337 2.26 17.86 24.17
C ASP A 337 1.42 18.25 22.96
N ALA A 338 1.98 19.07 22.06
CA ALA A 338 1.23 19.44 20.87
C ALA A 338 0.90 18.22 20.02
N VAL A 339 1.86 17.31 19.87
CA VAL A 339 1.64 16.11 19.07
C VAL A 339 0.57 15.23 19.72
N THR A 340 0.61 15.10 21.04
CA THR A 340 -0.41 14.31 21.72
C THR A 340 -1.80 14.92 21.53
N ASP A 341 -1.90 16.24 21.60
CA ASP A 341 -3.18 16.89 21.34
C ASP A 341 -3.66 16.60 19.93
N VAL A 342 -2.75 16.69 18.95
CA VAL A 342 -3.12 16.42 17.57
C VAL A 342 -3.59 14.97 17.41
N ILE A 343 -2.90 14.04 18.06
CA ILE A 343 -3.27 12.63 17.96
C ILE A 343 -4.64 12.39 18.58
N ILE A 344 -4.91 13.00 19.74
CA ILE A 344 -6.21 12.83 20.36
C ILE A 344 -7.30 13.39 19.46
N LYS A 345 -7.05 14.53 18.84
CA LYS A 345 -8.05 15.12 17.96
C LYS A 345 -8.28 14.24 16.72
N ASN A 346 -7.22 13.66 16.17
CA ASN A 346 -7.36 12.73 15.06
C ASN A 346 -8.13 11.48 15.45
N ASN A 347 -7.89 10.92 16.64
CA ASN A 347 -8.66 9.78 17.09
C ASN A 347 -10.14 10.15 17.24
N LEU A 348 -10.41 11.33 17.78
CA LEU A 348 -11.79 11.77 17.91
C LEU A 348 -12.45 11.89 16.53
N LYS A 349 -11.72 12.41 15.55
CA LYS A 349 -12.25 12.45 14.19
C LYS A 349 -12.51 11.04 13.68
N ASP A 350 -11.59 10.11 13.93
CA ASP A 350 -11.75 8.76 13.41
C ASP A 350 -12.98 8.07 14.00
N CYS A 351 -13.18 8.18 15.32
CA CYS A 351 -14.33 7.53 15.92
C CYS A 351 -15.63 8.27 15.60
N GLY A 352 -15.55 9.44 15.00
CA GLY A 352 -16.70 10.17 14.54
C GLY A 352 -17.28 11.18 15.49
N LEU A 353 -16.57 11.52 16.57
CA LEU A 353 -17.08 12.46 17.54
C LEU A 353 -16.96 13.91 17.08
N PHE A 354 -16.31 14.17 15.96
CA PHE A 354 -16.26 15.51 15.38
C PHE A 354 -17.02 15.52 14.05
N VAL B 2 30.38 -18.04 -1.67
CA VAL B 2 29.35 -19.02 -1.38
C VAL B 2 30.00 -20.33 -0.99
N GLN B 3 29.55 -20.91 0.12
CA GLN B 3 30.17 -22.11 0.67
C GLN B 3 29.17 -22.86 1.51
N LEU B 4 29.00 -24.15 1.20
CA LEU B 4 28.20 -25.07 2.00
C LEU B 4 29.10 -26.21 2.43
N VAL B 5 29.32 -26.35 3.73
CA VAL B 5 30.25 -27.34 4.28
C VAL B 5 29.44 -28.34 5.10
N GLU B 6 29.41 -29.59 4.66
CA GLU B 6 28.70 -30.62 5.40
C GLU B 6 29.64 -31.32 6.38
N SER B 7 29.04 -31.88 7.42
CA SER B 7 29.78 -32.59 8.45
C SER B 7 28.84 -33.52 9.19
N GLY B 8 29.42 -34.42 9.98
CA GLY B 8 28.66 -35.34 10.79
C GLY B 8 28.59 -36.76 10.28
N GLY B 9 29.25 -37.07 9.17
CA GLY B 9 29.24 -38.42 8.64
C GLY B 9 30.17 -39.33 9.42
N GLY B 10 30.19 -40.58 9.00
CA GLY B 10 31.01 -41.57 9.66
C GLY B 10 30.39 -42.95 9.57
N LEU B 11 30.86 -43.84 10.43
CA LEU B 11 30.46 -45.24 10.44
C LEU B 11 29.55 -45.49 11.63
N VAL B 12 28.39 -46.09 11.36
CA VAL B 12 27.39 -46.37 12.39
C VAL B 12 26.91 -47.80 12.25
N GLN B 13 26.39 -48.35 13.35
CA GLN B 13 25.83 -49.69 13.35
C GLN B 13 24.36 -49.65 12.96
N PRO B 14 23.82 -50.72 12.39
CA PRO B 14 22.40 -50.71 12.03
C PRO B 14 21.52 -50.42 13.23
N GLY B 15 20.50 -49.61 13.02
CA GLY B 15 19.60 -49.19 14.07
C GLY B 15 20.03 -47.95 14.82
N GLY B 16 21.21 -47.41 14.54
CA GLY B 16 21.68 -46.21 15.19
C GLY B 16 21.11 -44.96 14.55
N SER B 17 21.52 -43.82 15.09
CA SER B 17 21.05 -42.53 14.63
C SER B 17 22.23 -41.59 14.47
N ARG B 18 22.10 -40.67 13.51
CA ARG B 18 23.18 -39.67 13.25
C ARG B 18 22.56 -38.34 12.85
N LYS B 19 23.17 -37.24 13.28
CA LYS B 19 22.70 -35.90 12.97
C LYS B 19 23.73 -35.22 12.08
N LEU B 20 23.47 -35.18 10.79
CA LEU B 20 24.33 -34.49 9.84
C LEU B 20 24.00 -33.00 9.83
N SER B 21 25.04 -32.19 9.63
CA SER B 21 24.88 -30.75 9.64
C SER B 21 25.52 -30.17 8.39
N CYS B 22 25.02 -29.01 7.90
CA CYS B 22 25.62 -28.29 6.72
C CYS B 22 25.71 -26.78 7.04
N SER B 23 26.90 -26.25 7.36
CA SER B 23 27.15 -24.85 7.67
C SER B 23 27.21 -24.07 6.36
N ALA B 24 26.43 -22.99 6.29
CA ALA B 24 26.32 -22.19 5.09
C ALA B 24 26.90 -20.80 5.32
N SER B 25 27.61 -20.29 4.32
CA SER B 25 28.17 -18.96 4.38
C SER B 25 28.26 -18.39 2.97
N GLY B 26 28.32 -17.06 2.88
CA GLY B 26 28.48 -16.40 1.61
C GLY B 26 27.21 -16.00 0.91
N PHE B 27 26.05 -16.27 1.49
CA PHE B 27 24.78 -15.90 0.86
C PHE B 27 23.71 -15.78 1.94
N ALA B 28 22.53 -15.31 1.51
CA ALA B 28 21.39 -15.12 2.41
C ALA B 28 20.68 -16.45 2.63
N PHE B 29 21.22 -17.22 3.57
CA PHE B 29 20.71 -18.56 3.81
C PHE B 29 19.22 -18.55 4.11
N SER B 30 18.74 -17.54 4.83
CA SER B 30 17.33 -17.49 5.18
C SER B 30 16.44 -17.34 3.96
N SER B 31 16.96 -16.82 2.84
CA SER B 31 16.17 -16.63 1.64
C SER B 31 16.14 -17.84 0.73
N PHE B 32 16.86 -18.91 1.06
CA PHE B 32 16.99 -20.07 0.20
C PHE B 32 16.32 -21.30 0.81
N GLY B 33 15.57 -22.00 -0.02
CA GLY B 33 15.19 -23.36 0.30
C GLY B 33 16.34 -24.32 0.15
N MET B 34 16.30 -25.38 0.95
CA MET B 34 17.42 -26.31 1.07
C MET B 34 16.96 -27.73 0.80
N HIS B 35 17.85 -28.51 0.20
CA HIS B 35 17.60 -29.89 -0.12
C HIS B 35 18.71 -30.76 0.43
N TRP B 36 18.35 -31.96 0.87
CA TRP B 36 19.30 -33.03 1.13
C TRP B 36 19.15 -34.06 0.02
N VAL B 37 20.27 -34.35 -0.64
CA VAL B 37 20.34 -35.36 -1.70
C VAL B 37 21.42 -36.36 -1.29
N ARG B 38 21.35 -37.58 -1.82
CA ARG B 38 22.35 -38.59 -1.49
C ARG B 38 22.70 -39.41 -2.72
N GLN B 39 23.92 -39.93 -2.69
CA GLN B 39 24.45 -40.76 -3.77
C GLN B 39 25.09 -42.00 -3.16
N ALA B 40 24.66 -43.18 -3.61
CA ALA B 40 25.24 -44.41 -3.13
C ALA B 40 26.67 -44.55 -3.64
N PRO B 41 27.46 -45.46 -3.07
CA PRO B 41 28.89 -45.50 -3.40
C PRO B 41 29.17 -45.62 -4.89
N GLU B 42 28.33 -46.32 -5.65
CA GLU B 42 28.57 -46.54 -7.08
C GLU B 42 27.31 -46.32 -7.92
N LYS B 43 26.36 -45.53 -7.42
CA LYS B 43 25.09 -45.31 -8.11
C LYS B 43 24.87 -43.83 -8.35
N GLY B 44 23.68 -43.50 -8.84
CA GLY B 44 23.32 -42.14 -9.15
C GLY B 44 22.75 -41.40 -7.96
N LEU B 45 22.19 -40.23 -8.24
CA LEU B 45 21.70 -39.33 -7.21
C LEU B 45 20.29 -39.70 -6.79
N GLU B 46 20.00 -39.50 -5.51
CA GLU B 46 18.69 -39.77 -4.93
C GLU B 46 18.29 -38.60 -4.04
N TRP B 47 17.13 -38.02 -4.32
CA TRP B 47 16.62 -36.93 -3.52
C TRP B 47 16.09 -37.44 -2.19
N VAL B 48 16.42 -36.73 -1.11
CA VAL B 48 16.10 -37.14 0.25
C VAL B 48 15.05 -36.24 0.88
N ALA B 49 15.34 -34.95 1.01
CA ALA B 49 14.43 -34.10 1.75
C ALA B 49 14.51 -32.66 1.26
N TYR B 50 13.46 -31.90 1.57
CA TYR B 50 13.35 -30.50 1.21
C TYR B 50 12.75 -29.70 2.37
N ILE B 51 13.40 -28.58 2.71
CA ILE B 51 12.86 -27.62 3.65
C ILE B 51 12.86 -26.24 3.00
N SER B 52 11.70 -25.59 3.01
CA SER B 52 11.53 -24.33 2.30
C SER B 52 12.04 -23.16 3.12
N SER B 53 12.26 -22.04 2.44
CA SER B 53 12.56 -20.79 3.12
C SER B 53 11.38 -20.43 4.02
N GLY B 54 11.68 -20.17 5.29
CA GLY B 54 10.66 -19.95 6.28
C GLY B 54 10.19 -21.20 6.99
N SER B 55 10.66 -22.37 6.58
CA SER B 55 10.37 -23.63 7.26
C SER B 55 8.88 -23.99 7.20
N GLY B 56 8.16 -23.45 6.23
CA GLY B 56 6.74 -23.72 6.12
C GLY B 56 6.42 -25.04 5.46
N THR B 57 7.24 -25.48 4.51
CA THR B 57 7.00 -26.70 3.75
C THR B 57 8.15 -27.66 3.95
N ILE B 58 7.83 -28.90 4.28
CA ILE B 58 8.80 -29.97 4.41
C ILE B 58 8.34 -31.13 3.54
N TYR B 59 9.25 -31.65 2.71
CA TYR B 59 8.97 -32.84 1.90
C TYR B 59 10.04 -33.88 2.14
N TYR B 60 9.62 -35.14 2.10
CA TYR B 60 10.51 -36.27 2.32
C TYR B 60 10.33 -37.30 1.23
N ALA B 61 11.40 -38.03 0.92
CA ALA B 61 11.28 -39.19 0.06
C ALA B 61 10.61 -40.33 0.81
N ASP B 62 9.96 -41.21 0.06
CA ASP B 62 9.22 -42.30 0.69
C ASP B 62 10.14 -43.27 1.42
N THR B 63 11.34 -43.49 0.89
CA THR B 63 12.28 -44.42 1.51
C THR B 63 12.83 -43.91 2.84
N VAL B 64 12.62 -42.63 3.16
CA VAL B 64 13.11 -42.06 4.40
C VAL B 64 12.01 -41.44 5.25
N LYS B 65 10.77 -41.39 4.75
CA LYS B 65 9.70 -40.74 5.48
C LYS B 65 9.44 -41.46 6.80
N GLY B 66 9.25 -40.67 7.86
CA GLY B 66 9.04 -41.21 9.18
C GLY B 66 10.31 -41.54 9.93
N ARG B 67 11.45 -41.56 9.25
CA ARG B 67 12.75 -41.85 9.84
C ARG B 67 13.64 -40.62 9.90
N PHE B 68 13.73 -39.88 8.81
CA PHE B 68 14.58 -38.70 8.72
C PHE B 68 13.76 -37.47 9.10
N THR B 69 14.44 -36.47 9.68
CA THR B 69 13.83 -35.19 10.00
C THR B 69 14.76 -34.07 9.55
N ILE B 70 14.22 -33.11 8.81
CA ILE B 70 14.99 -31.99 8.28
C ILE B 70 14.65 -30.75 9.07
N SER B 71 15.66 -29.97 9.45
CA SER B 71 15.44 -28.74 10.19
C SER B 71 16.51 -27.73 9.79
N ARG B 72 16.28 -26.48 10.19
CA ARG B 72 17.23 -25.42 9.89
C ARG B 72 17.23 -24.40 11.03
N ASP B 73 18.41 -23.83 11.28
CA ASP B 73 18.58 -22.71 12.20
C ASP B 73 19.14 -21.56 11.36
N ASP B 74 18.27 -20.63 11.00
CA ASP B 74 18.69 -19.52 10.15
C ASP B 74 19.70 -18.62 10.84
N PRO B 75 19.50 -18.18 12.08
CA PRO B 75 20.50 -17.31 12.72
C PRO B 75 21.89 -17.91 12.74
N LYS B 76 22.01 -19.21 12.96
CA LYS B 76 23.30 -19.89 12.91
C LYS B 76 23.66 -20.36 11.51
N ASN B 77 22.77 -20.16 10.54
CA ASN B 77 23.01 -20.58 9.16
C ASN B 77 23.42 -22.05 9.11
N THR B 78 22.59 -22.91 9.69
CA THR B 78 22.88 -24.33 9.72
C THR B 78 21.67 -25.13 9.26
N LEU B 79 21.92 -26.22 8.55
CA LEU B 79 20.89 -27.16 8.13
C LEU B 79 21.17 -28.51 8.76
N PHE B 80 20.15 -29.13 9.36
CA PHE B 80 20.32 -30.37 10.08
C PHE B 80 19.45 -31.46 9.47
N LEU B 81 20.02 -32.67 9.42
CA LEU B 81 19.29 -33.88 9.03
C LEU B 81 19.49 -34.90 10.13
N GLN B 82 18.43 -35.22 10.86
CA GLN B 82 18.46 -36.19 11.94
C GLN B 82 17.91 -37.50 11.39
N MET B 83 18.76 -38.52 11.33
CA MET B 83 18.42 -39.81 10.76
C MET B 83 18.39 -40.84 11.87
N THR B 84 17.29 -41.58 11.97
CA THR B 84 17.12 -42.60 12.99
C THR B 84 16.74 -43.92 12.32
N SER B 85 17.01 -45.01 13.04
CA SER B 85 16.76 -46.36 12.52
C SER B 85 17.47 -46.57 11.19
N LEU B 86 18.79 -46.42 11.21
CA LEU B 86 19.57 -46.47 9.99
C LEU B 86 19.66 -47.90 9.47
N ARG B 87 19.63 -48.04 8.15
CA ARG B 87 19.73 -49.31 7.46
C ARG B 87 20.93 -49.29 6.52
N SER B 88 21.25 -50.47 5.98
CA SER B 88 22.35 -50.55 5.02
C SER B 88 22.04 -49.79 3.74
N GLU B 89 20.76 -49.55 3.45
CA GLU B 89 20.40 -48.79 2.27
C GLU B 89 20.74 -47.31 2.39
N ASP B 90 21.00 -46.83 3.60
CA ASP B 90 21.29 -45.42 3.84
C ASP B 90 22.76 -45.08 3.67
N THR B 91 23.61 -46.07 3.40
CA THR B 91 25.02 -45.80 3.17
C THR B 91 25.18 -44.99 1.88
N ALA B 92 25.71 -43.78 2.01
CA ALA B 92 25.81 -42.90 0.86
C ALA B 92 26.54 -41.62 1.25
N MET B 93 26.90 -40.85 0.23
CA MET B 93 27.38 -39.49 0.44
C MET B 93 26.21 -38.53 0.30
N TYR B 94 26.03 -37.70 1.33
CA TYR B 94 24.93 -36.76 1.40
C TYR B 94 25.42 -35.36 1.07
N TYR B 95 24.73 -34.69 0.16
CA TYR B 95 25.00 -33.33 -0.23
C TYR B 95 23.85 -32.43 0.18
N CYS B 96 24.21 -31.22 0.62
CA CYS B 96 23.19 -30.18 0.87
C CYS B 96 23.18 -29.35 -0.41
N VAL B 97 22.01 -28.94 -0.88
CA VAL B 97 21.83 -28.24 -2.15
C VAL B 97 20.98 -27.00 -1.90
N ARG B 98 21.39 -25.90 -2.52
CA ARG B 98 20.70 -24.62 -2.41
C ARG B 98 19.67 -24.48 -3.52
N SER B 99 18.56 -23.79 -3.24
CA SER B 99 17.53 -23.61 -4.26
C SER B 99 16.61 -22.48 -3.86
N ILE B 100 16.44 -21.50 -4.74
CA ILE B 100 15.57 -20.34 -4.51
C ILE B 100 14.54 -20.31 -5.62
N TYR B 101 13.30 -19.96 -5.27
CA TYR B 101 12.18 -20.08 -6.18
C TYR B 101 11.49 -18.73 -6.35
N TYR B 102 11.66 -18.13 -7.52
CA TYR B 102 10.86 -16.99 -7.95
C TYR B 102 10.98 -16.94 -9.47
N TYR B 103 10.15 -16.10 -10.08
CA TYR B 103 10.14 -16.02 -11.54
C TYR B 103 11.54 -15.72 -12.06
N GLY B 104 12.06 -16.61 -12.91
CA GLY B 104 13.36 -16.43 -13.50
C GLY B 104 14.54 -16.90 -12.68
N SER B 105 14.30 -17.58 -11.56
CA SER B 105 15.38 -18.02 -10.70
C SER B 105 16.02 -19.30 -11.23
N SER B 106 17.13 -19.70 -10.61
CA SER B 106 17.90 -20.87 -11.00
C SER B 106 18.05 -21.78 -9.79
N PRO B 107 17.04 -22.58 -9.47
CA PRO B 107 17.14 -23.47 -8.32
C PRO B 107 18.15 -24.59 -8.56
N PHE B 108 18.59 -25.18 -7.45
CA PHE B 108 19.61 -26.22 -7.47
C PHE B 108 20.94 -25.70 -8.03
N ASP B 109 21.21 -24.42 -7.81
CA ASP B 109 22.36 -23.79 -8.44
C ASP B 109 23.68 -24.17 -7.77
N PHE B 110 23.70 -24.30 -6.45
CA PHE B 110 24.94 -24.53 -5.71
C PHE B 110 24.80 -25.79 -4.87
N TRP B 111 25.82 -26.64 -4.91
CA TRP B 111 25.87 -27.88 -4.15
C TRP B 111 27.05 -27.84 -3.20
N GLY B 112 26.93 -28.59 -2.11
CA GLY B 112 28.02 -28.72 -1.16
C GLY B 112 29.00 -29.78 -1.60
N GLN B 113 29.98 -30.03 -0.73
CA GLN B 113 30.98 -31.06 -0.99
C GLN B 113 30.55 -32.43 -0.52
N GLY B 114 29.68 -32.51 0.50
CA GLY B 114 29.08 -33.74 0.91
C GLY B 114 29.85 -34.46 2.01
N THR B 115 29.13 -35.33 2.71
CA THR B 115 29.72 -36.12 3.79
C THR B 115 29.23 -37.56 3.66
N THR B 116 30.12 -38.50 3.93
CA THR B 116 29.84 -39.92 3.73
C THR B 116 29.37 -40.58 5.02
N LEU B 117 28.27 -41.31 4.92
CA LEU B 117 27.73 -42.10 6.02
C LEU B 117 27.71 -43.56 5.61
N THR B 118 28.27 -44.42 6.45
CA THR B 118 28.34 -45.85 6.22
C THR B 118 27.59 -46.57 7.33
N VAL B 119 26.79 -47.56 6.96
CA VAL B 119 26.05 -48.39 7.91
C VAL B 119 26.51 -49.83 7.71
N SER B 120 26.97 -50.45 8.78
CA SER B 120 27.49 -51.81 8.72
C SER B 120 26.39 -52.81 8.37
N SER B 136 3.55 -44.19 -8.76
CA SER B 136 2.94 -42.94 -9.21
C SER B 136 3.98 -41.84 -9.34
N ASP B 137 5.25 -42.18 -9.10
CA ASP B 137 6.34 -41.25 -9.28
C ASP B 137 6.74 -41.20 -10.76
N ILE B 138 7.53 -40.19 -11.12
CA ILE B 138 7.97 -40.01 -12.50
C ILE B 138 9.32 -40.68 -12.65
N VAL B 139 9.43 -41.56 -13.64
CA VAL B 139 10.65 -42.31 -13.87
C VAL B 139 11.45 -41.63 -14.98
N MET B 140 12.68 -41.26 -14.66
CA MET B 140 13.59 -40.63 -15.62
C MET B 140 14.56 -41.68 -16.13
N THR B 141 14.63 -41.84 -17.44
CA THR B 141 15.41 -42.90 -18.07
C THR B 141 16.56 -42.28 -18.85
N GLN B 142 17.78 -42.69 -18.51
CA GLN B 142 18.99 -42.32 -19.23
C GLN B 142 19.43 -43.57 -19.97
N ALA B 143 18.92 -43.75 -21.19
CA ALA B 143 19.13 -45.00 -21.91
C ALA B 143 20.60 -45.34 -22.03
N THR B 144 21.44 -44.36 -22.33
CA THR B 144 22.87 -44.57 -22.54
C THR B 144 23.62 -44.38 -21.23
N SER B 145 24.41 -45.38 -20.86
CA SER B 145 25.18 -45.33 -19.62
C SER B 145 26.59 -44.81 -19.83
N SER B 146 27.15 -44.95 -21.04
CA SER B 146 28.51 -44.51 -21.28
C SER B 146 28.63 -44.10 -22.75
N VAL B 147 29.50 -43.12 -23.01
CA VAL B 147 29.71 -42.59 -24.36
C VAL B 147 31.17 -42.21 -24.51
N PRO B 148 31.95 -42.94 -25.32
CA PRO B 148 33.34 -42.50 -25.56
C PRO B 148 33.39 -41.43 -26.63
N VAL B 149 34.23 -40.42 -26.41
CA VAL B 149 34.28 -39.25 -27.27
C VAL B 149 35.68 -38.65 -27.22
N THR B 150 36.06 -37.97 -28.31
CA THR B 150 37.33 -37.32 -28.51
C THR B 150 37.16 -35.80 -28.45
N PRO B 151 38.15 -35.04 -27.96
CA PRO B 151 37.97 -33.58 -27.89
C PRO B 151 37.73 -32.97 -29.27
N GLY B 152 36.92 -31.92 -29.30
CA GLY B 152 36.57 -31.22 -30.51
C GLY B 152 35.29 -31.73 -31.16
N GLU B 153 34.73 -32.83 -30.67
CA GLU B 153 33.53 -33.40 -31.26
C GLU B 153 32.29 -32.92 -30.53
N SER B 154 31.13 -33.13 -31.16
CA SER B 154 29.85 -32.80 -30.56
C SER B 154 29.23 -34.05 -29.96
N VAL B 155 28.58 -33.87 -28.80
CA VAL B 155 27.95 -34.96 -28.08
C VAL B 155 26.50 -34.58 -27.82
N SER B 156 25.64 -35.59 -27.69
CA SER B 156 24.23 -35.39 -27.40
C SER B 156 23.80 -36.47 -26.41
N ILE B 157 23.21 -36.05 -25.29
CA ILE B 157 22.77 -36.94 -24.23
C ILE B 157 21.26 -36.83 -24.13
N SER B 158 20.58 -37.97 -24.18
CA SER B 158 19.12 -38.00 -24.20
C SER B 158 18.56 -38.43 -22.85
N CYS B 159 17.36 -37.96 -22.56
CA CYS B 159 16.66 -38.30 -21.33
C CYS B 159 15.17 -38.37 -21.61
N ARG B 160 14.52 -39.40 -21.06
CA ARG B 160 13.09 -39.60 -21.22
C ARG B 160 12.41 -39.55 -19.86
N SER B 161 11.12 -39.26 -19.86
CA SER B 161 10.33 -39.21 -18.64
C SER B 161 9.01 -39.94 -18.86
N SER B 162 8.45 -40.44 -17.75
CA SER B 162 7.20 -41.20 -17.82
C SER B 162 6.06 -40.33 -18.33
N LYS B 163 5.97 -39.09 -17.87
CA LYS B 163 4.93 -38.17 -18.30
C LYS B 163 5.56 -36.85 -18.70
N SER B 164 4.84 -36.12 -19.56
CA SER B 164 5.34 -34.85 -20.05
C SER B 164 5.63 -33.90 -18.89
N LEU B 165 6.80 -33.26 -18.96
CA LEU B 165 7.22 -32.29 -17.96
C LEU B 165 6.79 -30.88 -18.30
N LEU B 166 6.10 -30.68 -19.42
CA LEU B 166 5.62 -29.37 -19.83
C LEU B 166 4.34 -29.04 -19.08
N HIS B 167 4.39 -27.98 -18.27
CA HIS B 167 3.24 -27.55 -17.51
C HIS B 167 2.42 -26.55 -18.32
N SER B 168 1.17 -26.35 -17.90
CA SER B 168 0.28 -25.46 -18.61
C SER B 168 0.76 -24.01 -18.58
N ASN B 169 1.69 -23.67 -17.68
CA ASN B 169 2.23 -22.32 -17.61
C ASN B 169 3.41 -22.10 -18.55
N GLY B 170 3.80 -23.11 -19.33
CA GLY B 170 4.80 -22.97 -20.35
C GLY B 170 6.17 -23.50 -19.98
N ASN B 171 6.37 -23.92 -18.74
CA ASN B 171 7.68 -24.34 -18.26
C ASN B 171 7.83 -25.85 -18.33
N THR B 172 8.93 -26.30 -18.91
CA THR B 172 9.33 -27.69 -18.90
C THR B 172 10.39 -27.87 -17.82
N TYR B 173 10.05 -28.59 -16.77
CA TYR B 173 10.89 -28.66 -15.58
C TYR B 173 11.90 -29.81 -15.69
N LEU B 174 12.94 -29.55 -16.46
CA LEU B 174 14.05 -30.48 -16.65
C LEU B 174 15.35 -29.77 -16.30
N TYR B 175 16.17 -30.43 -15.49
CA TYR B 175 17.43 -29.89 -15.02
C TYR B 175 18.56 -30.83 -15.41
N TRP B 176 19.65 -30.27 -15.92
CA TRP B 176 20.83 -31.02 -16.31
C TRP B 176 21.98 -30.64 -15.38
N PHE B 177 22.54 -31.64 -14.71
CA PHE B 177 23.68 -31.50 -13.81
C PHE B 177 24.86 -32.28 -14.36
N LEU B 178 26.07 -31.78 -14.07
CA LEU B 178 27.31 -32.44 -14.45
C LEU B 178 28.12 -32.70 -13.19
N GLN B 179 28.51 -33.96 -12.98
CA GLN B 179 29.33 -34.35 -11.85
C GLN B 179 30.66 -34.87 -12.38
N ARG B 180 31.73 -34.13 -12.08
CA ARG B 180 33.06 -34.50 -12.51
C ARG B 180 33.72 -35.41 -11.47
N PRO B 181 34.76 -36.13 -11.87
CA PRO B 181 35.39 -37.06 -10.92
C PRO B 181 35.86 -36.35 -9.66
N GLY B 182 35.33 -36.78 -8.52
CA GLY B 182 35.72 -36.25 -7.23
C GLY B 182 35.13 -34.92 -6.87
N GLN B 183 34.09 -34.47 -7.57
CA GLN B 183 33.48 -33.18 -7.34
C GLN B 183 31.98 -33.32 -7.16
N SER B 184 31.37 -32.33 -6.51
CA SER B 184 29.93 -32.33 -6.34
C SER B 184 29.24 -31.93 -7.63
N PRO B 185 28.00 -32.37 -7.85
CA PRO B 185 27.29 -31.99 -9.07
C PRO B 185 27.14 -30.49 -9.17
N GLN B 186 27.25 -29.99 -10.40
CA GLN B 186 27.05 -28.57 -10.69
C GLN B 186 25.98 -28.43 -11.77
N LEU B 187 25.14 -27.42 -11.59
CA LEU B 187 24.02 -27.19 -12.50
C LEU B 187 24.54 -26.71 -13.85
N LEU B 188 24.07 -27.38 -14.91
CA LEU B 188 24.32 -26.94 -16.27
C LEU B 188 23.11 -26.25 -16.88
N ILE B 189 21.94 -26.86 -16.82
CA ILE B 189 20.74 -26.32 -17.43
C ILE B 189 19.59 -26.42 -16.43
N TYR B 190 18.74 -25.40 -16.40
CA TYR B 190 17.51 -25.43 -15.62
C TYR B 190 16.33 -25.13 -16.53
N ARG B 191 15.28 -25.93 -16.40
CA ARG B 191 14.06 -25.80 -17.19
C ARG B 191 14.33 -26.03 -18.67
N MET B 192 15.27 -26.96 -18.94
CA MET B 192 15.44 -27.60 -20.24
C MET B 192 16.11 -26.73 -21.30
N SER B 193 16.22 -25.42 -21.09
CA SER B 193 16.78 -24.55 -22.12
C SER B 193 17.64 -23.42 -21.57
N ASN B 194 17.74 -23.27 -20.26
CA ASN B 194 18.37 -22.09 -19.68
C ASN B 194 19.77 -22.45 -19.19
N LEU B 195 20.77 -21.73 -19.67
CA LEU B 195 22.14 -22.02 -19.32
C LEU B 195 22.49 -21.38 -17.98
N ALA B 196 23.04 -22.18 -17.08
CA ALA B 196 23.32 -21.70 -15.73
C ALA B 196 24.45 -20.68 -15.75
N SER B 197 24.42 -19.79 -14.75
CA SER B 197 25.46 -18.78 -14.63
C SER B 197 26.82 -19.41 -14.42
N GLY B 198 27.81 -18.92 -15.16
CA GLY B 198 29.15 -19.43 -15.06
C GLY B 198 29.45 -20.64 -15.91
N VAL B 199 28.50 -21.09 -16.72
CA VAL B 199 28.66 -22.27 -17.56
C VAL B 199 29.05 -21.82 -18.96
N PRO B 200 30.00 -22.46 -19.62
CA PRO B 200 30.35 -22.08 -20.99
C PRO B 200 29.19 -22.30 -21.94
N ASP B 201 29.18 -21.51 -23.01
CA ASP B 201 28.14 -21.60 -24.03
C ASP B 201 28.24 -22.87 -24.86
N ARG B 202 29.24 -23.71 -24.63
CA ARG B 202 29.31 -24.99 -25.34
C ARG B 202 28.03 -25.78 -25.15
N PHE B 203 27.44 -25.72 -23.96
CA PHE B 203 26.28 -26.54 -23.61
C PHE B 203 24.99 -25.89 -24.11
N SER B 204 24.05 -26.73 -24.51
CA SER B 204 22.71 -26.28 -24.87
C SER B 204 21.74 -27.41 -24.55
N GLY B 205 20.48 -27.06 -24.45
CA GLY B 205 19.46 -28.06 -24.16
C GLY B 205 18.18 -27.77 -24.89
N SER B 206 17.48 -28.85 -25.23
CA SER B 206 16.23 -28.71 -25.97
C SER B 206 15.40 -29.97 -25.78
N GLY B 207 14.21 -29.96 -26.35
CA GLY B 207 13.36 -31.13 -26.35
C GLY B 207 11.91 -30.75 -26.15
N SER B 208 11.08 -31.77 -26.07
CA SER B 208 9.67 -31.63 -25.78
C SER B 208 9.33 -32.59 -24.64
N GLY B 209 8.07 -32.55 -24.20
CA GLY B 209 7.68 -33.41 -23.09
C GLY B 209 8.04 -34.85 -23.35
N THR B 210 8.71 -35.47 -22.36
CA THR B 210 9.06 -36.88 -22.38
C THR B 210 10.28 -37.18 -23.23
N ALA B 211 10.87 -36.18 -23.87
CA ALA B 211 12.05 -36.40 -24.70
C ALA B 211 12.92 -35.15 -24.69
N PHE B 212 14.09 -35.23 -24.06
CA PHE B 212 14.95 -34.08 -23.88
C PHE B 212 16.38 -34.44 -24.25
N THR B 213 17.14 -33.43 -24.67
CA THR B 213 18.49 -33.62 -25.17
C THR B 213 19.39 -32.48 -24.68
N LEU B 214 20.57 -32.86 -24.23
CA LEU B 214 21.63 -31.92 -23.87
C LEU B 214 22.75 -32.08 -24.90
N THR B 215 23.09 -30.99 -25.57
CA THR B 215 24.07 -30.98 -26.64
C THR B 215 25.31 -30.23 -26.20
N ILE B 216 26.45 -30.91 -26.27
CA ILE B 216 27.75 -30.33 -25.95
C ILE B 216 28.48 -30.12 -27.27
N SER B 217 28.72 -28.87 -27.62
CA SER B 217 29.45 -28.53 -28.84
C SER B 217 30.89 -28.16 -28.50
N ARG B 218 31.80 -28.60 -29.35
CA ARG B 218 33.23 -28.37 -29.15
C ARG B 218 33.66 -28.94 -27.80
N LEU B 219 33.46 -30.24 -27.63
CA LEU B 219 33.77 -30.89 -26.37
C LEU B 219 35.22 -30.65 -25.98
N GLU B 220 35.43 -30.22 -24.75
CA GLU B 220 36.74 -29.91 -24.21
C GLU B 220 37.00 -30.78 -22.98
N ALA B 221 38.23 -30.74 -22.50
CA ALA B 221 38.56 -31.41 -21.25
C ALA B 221 37.78 -30.78 -20.10
N GLU B 222 37.64 -31.53 -19.01
CA GLU B 222 36.85 -31.15 -17.85
C GLU B 222 35.35 -31.24 -18.12
N ASP B 223 34.95 -31.65 -19.32
CA ASP B 223 33.57 -32.06 -19.58
C ASP B 223 33.38 -33.55 -19.36
N VAL B 224 34.44 -34.27 -19.00
CA VAL B 224 34.35 -35.67 -18.65
C VAL B 224 33.58 -35.81 -17.36
N GLY B 225 32.75 -36.83 -17.26
CA GLY B 225 32.00 -37.07 -16.05
C GLY B 225 30.60 -37.55 -16.35
N VAL B 226 29.75 -37.51 -15.34
CA VAL B 226 28.41 -38.08 -15.42
C VAL B 226 27.39 -36.94 -15.50
N TYR B 227 26.52 -37.01 -16.49
CA TYR B 227 25.44 -36.04 -16.66
C TYR B 227 24.14 -36.66 -16.18
N TYR B 228 23.44 -35.92 -15.32
CA TYR B 228 22.18 -36.36 -14.74
C TYR B 228 21.05 -35.43 -15.15
N CYS B 229 19.91 -36.03 -15.50
CA CYS B 229 18.68 -35.29 -15.77
C CYS B 229 17.71 -35.49 -14.61
N MET B 230 17.11 -34.39 -14.18
CA MET B 230 16.21 -34.39 -13.03
C MET B 230 14.93 -33.67 -13.42
N GLN B 231 13.81 -34.11 -12.84
CA GLN B 231 12.53 -33.45 -13.00
C GLN B 231 12.16 -32.73 -11.71
N HIS B 232 11.62 -31.52 -11.85
CA HIS B 232 11.15 -30.73 -10.72
C HIS B 232 9.68 -30.38 -10.90
N LEU B 233 8.96 -31.17 -11.70
CA LEU B 233 7.54 -30.96 -11.92
C LEU B 233 6.73 -31.27 -10.66
N GLU B 234 7.04 -32.40 -10.02
CA GLU B 234 6.31 -32.84 -8.84
C GLU B 234 7.27 -33.54 -7.89
N TYR B 235 6.96 -33.48 -6.64
CA TYR B 235 7.72 -34.24 -5.67
C TYR B 235 7.22 -35.69 -5.63
N PRO B 236 8.09 -36.65 -5.32
CA PRO B 236 9.52 -36.51 -5.03
C PRO B 236 10.34 -36.26 -6.27
N LEU B 237 11.40 -35.48 -6.15
CA LEU B 237 12.29 -35.24 -7.27
C LEU B 237 13.02 -36.52 -7.63
N THR B 238 13.11 -36.81 -8.92
CA THR B 238 13.68 -38.05 -9.42
C THR B 238 14.79 -37.75 -10.41
N PHE B 239 15.87 -38.52 -10.31
CA PHE B 239 17.02 -38.40 -11.19
C PHE B 239 17.07 -39.58 -12.14
N GLY B 240 17.78 -39.40 -13.24
CA GLY B 240 18.10 -40.50 -14.12
C GLY B 240 19.33 -41.25 -13.66
N ALA B 241 19.62 -42.36 -14.34
CA ALA B 241 20.77 -43.17 -13.97
C ALA B 241 22.08 -42.40 -14.13
N GLY B 242 22.19 -41.62 -15.19
CA GLY B 242 23.37 -40.81 -15.45
C GLY B 242 24.16 -41.35 -16.63
N THR B 243 24.50 -40.45 -17.55
CA THR B 243 25.25 -40.81 -18.75
C THR B 243 26.69 -40.36 -18.58
N LYS B 244 27.62 -41.29 -18.77
CA LYS B 244 29.03 -41.02 -18.51
C LYS B 244 29.76 -40.70 -19.81
N LEU B 245 30.50 -39.60 -19.81
CA LEU B 245 31.38 -39.23 -20.91
C LEU B 245 32.83 -39.40 -20.46
N GLU B 246 33.58 -40.17 -21.24
CA GLU B 246 34.99 -40.42 -21.00
C GLU B 246 35.77 -40.09 -22.27
N LEU B 247 36.97 -39.56 -22.09
CA LEU B 247 37.86 -39.27 -23.21
C LEU B 247 38.88 -40.38 -23.38
N SER C 8 -61.58 -13.18 37.33
CA SER C 8 -60.94 -14.26 36.60
C SER C 8 -60.13 -15.13 37.53
N ASP C 9 -59.30 -15.99 36.95
CA ASP C 9 -58.34 -16.79 37.70
C ASP C 9 -57.02 -16.74 36.95
N HIS C 10 -56.10 -15.93 37.44
CA HIS C 10 -54.84 -15.67 36.72
C HIS C 10 -53.75 -16.67 37.05
N PHE C 11 -53.84 -17.40 38.16
CA PHE C 11 -52.83 -18.39 38.48
C PHE C 11 -52.69 -19.36 37.31
N LEU C 12 -51.44 -19.71 36.99
CA LEU C 12 -51.14 -20.56 35.86
C LEU C 12 -49.83 -21.29 36.16
N VAL C 13 -49.59 -22.39 35.46
CA VAL C 13 -48.39 -23.18 35.64
C VAL C 13 -47.59 -23.13 34.34
N ILE C 14 -46.37 -22.60 34.43
CA ILE C 14 -45.49 -22.48 33.27
C ILE C 14 -44.23 -23.27 33.58
N ASN C 15 -43.97 -24.32 32.79
CA ASN C 15 -42.82 -25.17 32.99
C ASN C 15 -42.80 -25.75 34.40
N GLY C 16 -43.98 -25.98 34.96
CA GLY C 16 -44.13 -26.52 36.29
C GLY C 16 -44.05 -25.50 37.40
N LYS C 17 -43.87 -24.22 37.10
CA LYS C 17 -43.74 -23.19 38.11
C LYS C 17 -45.02 -22.39 38.22
N ASN C 18 -45.37 -22.01 39.45
CA ASN C 18 -46.61 -21.30 39.74
C ASN C 18 -46.41 -19.82 39.45
N CYS C 19 -46.94 -19.35 38.33
CA CYS C 19 -46.96 -17.95 37.98
C CYS C 19 -48.41 -17.48 37.99
N CYS C 20 -48.61 -16.22 37.65
CA CYS C 20 -49.93 -15.79 37.22
C CYS C 20 -49.79 -14.61 36.27
N VAL C 21 -50.44 -14.72 35.13
CA VAL C 21 -50.27 -13.79 34.03
C VAL C 21 -51.60 -13.07 33.83
N PHE C 22 -51.53 -11.77 33.54
CA PHE C 22 -52.71 -10.94 33.37
C PHE C 22 -52.84 -10.50 31.93
N ARG C 23 -54.08 -10.26 31.52
CA ARG C 23 -54.40 -9.93 30.14
C ARG C 23 -55.26 -8.67 30.14
N ASP C 24 -54.59 -7.52 30.11
CA ASP C 24 -55.26 -6.22 30.16
C ASP C 24 -55.31 -5.63 28.75
N GLU C 25 -56.49 -5.22 28.30
CA GLU C 25 -56.63 -4.67 26.96
C GLU C 25 -55.85 -3.39 26.78
N ASN C 26 -55.51 -2.70 27.87
CA ASN C 26 -54.66 -1.52 27.74
C ASN C 26 -53.34 -1.87 27.08
N ILE C 27 -52.84 -3.10 27.27
CA ILE C 27 -51.62 -3.51 26.61
C ILE C 27 -51.84 -3.61 25.11
N ALA C 28 -53.01 -4.09 24.69
CA ALA C 28 -53.32 -4.15 23.27
C ALA C 28 -53.59 -2.76 22.70
N LYS C 29 -53.91 -1.80 23.55
CA LYS C 29 -54.27 -0.47 23.09
C LYS C 29 -53.07 0.46 22.98
N VAL C 30 -52.19 0.45 23.98
CA VAL C 30 -51.13 1.45 24.05
C VAL C 30 -49.85 0.99 23.35
N LEU C 31 -49.44 -0.25 23.54
CA LEU C 31 -48.13 -0.68 23.07
C LEU C 31 -47.99 -0.65 21.54
N PRO C 32 -48.95 -1.15 20.77
CA PRO C 32 -48.80 -1.12 19.31
C PRO C 32 -48.56 0.30 18.81
N PRO C 33 -49.19 1.31 19.42
CA PRO C 33 -48.84 2.70 19.07
C PRO C 33 -47.36 3.03 19.16
N VAL C 34 -46.63 2.52 20.15
CA VAL C 34 -45.20 2.78 20.27
C VAL C 34 -44.39 1.82 19.40
N LEU C 35 -44.84 0.57 19.29
CA LEU C 35 -44.07 -0.45 18.58
C LEU C 35 -44.08 -0.21 17.08
N GLY C 36 -45.19 0.28 16.53
CA GLY C 36 -45.21 0.58 15.11
C GLY C 36 -44.22 1.67 14.74
N LEU C 37 -44.20 2.75 15.53
CA LEU C 37 -43.24 3.82 15.30
C LEU C 37 -41.82 3.32 15.47
N GLU C 38 -41.57 2.50 16.50
CA GLU C 38 -40.25 1.95 16.68
C GLU C 38 -39.82 1.13 15.47
N PHE C 39 -40.72 0.31 14.95
CA PHE C 39 -40.39 -0.52 13.79
C PHE C 39 -40.05 0.34 12.57
N VAL C 40 -40.92 1.30 12.24
CA VAL C 40 -40.70 2.07 11.03
C VAL C 40 -39.41 2.89 11.14
N PHE C 41 -39.19 3.53 12.29
CA PHE C 41 -37.98 4.33 12.44
C PHE C 41 -36.73 3.45 12.48
N GLY C 42 -36.81 2.30 13.15
CA GLY C 42 -35.68 1.39 13.18
C GLY C 42 -35.31 0.89 11.80
N LEU C 43 -36.31 0.50 11.02
CA LEU C 43 -36.05 0.18 9.61
C LEU C 43 -35.35 1.34 8.92
N LEU C 44 -36.02 2.49 8.84
CA LEU C 44 -35.52 3.58 8.01
C LEU C 44 -34.17 4.11 8.49
N GLY C 45 -33.75 3.81 9.71
CA GLY C 45 -32.42 4.18 10.13
C GLY C 45 -31.38 3.09 9.97
N ASN C 46 -31.67 1.91 10.52
CA ASN C 46 -30.66 0.85 10.56
C ASN C 46 -30.48 0.18 9.21
N GLY C 47 -31.53 0.09 8.38
CA GLY C 47 -31.32 -0.40 7.04
C GLY C 47 -30.32 0.44 6.27
N LEU C 48 -30.34 1.75 6.49
CA LEU C 48 -29.33 2.63 5.90
C LEU C 48 -27.97 2.45 6.56
N ALA C 49 -27.94 2.39 7.89
CA ALA C 49 -26.70 2.17 8.60
C ALA C 49 -26.02 0.86 8.18
N LEU C 50 -26.78 -0.10 7.66
CA LEU C 50 -26.21 -1.33 7.14
C LEU C 50 -25.88 -1.26 5.66
N TRP C 51 -26.81 -0.75 4.85
CA TRP C 51 -26.51 -0.49 3.44
C TRP C 51 -25.13 0.14 3.28
N ILE C 52 -24.90 1.23 4.00
CA ILE C 52 -23.57 1.81 4.18
C ILE C 52 -23.19 1.66 5.64
N PHE C 53 -22.02 1.07 5.87
CA PHE C 53 -21.52 0.92 7.24
C PHE C 53 -21.66 2.24 7.99
N CYS C 54 -22.39 2.21 9.11
CA CYS C 54 -22.72 3.41 9.85
C CYS C 54 -23.67 4.30 9.04
N SER C 59 -16.46 -0.28 7.21
CA SER C 59 -15.72 -1.50 6.93
C SER C 59 -14.23 -1.19 6.89
N TRP C 60 -13.90 0.09 6.74
CA TRP C 60 -12.50 0.48 6.62
C TRP C 60 -11.77 0.40 7.96
N LYS C 61 -12.38 0.91 9.02
CA LYS C 61 -11.74 1.01 10.32
C LYS C 61 -12.44 0.10 11.32
N SER C 62 -11.77 -0.15 12.44
CA SER C 62 -12.35 -0.97 13.48
C SER C 62 -13.62 -0.36 14.05
N SER C 63 -13.64 0.95 14.24
CA SER C 63 -14.83 1.60 14.79
C SER C 63 -16.01 1.45 13.86
N ARG C 64 -15.79 1.59 12.55
CA ARG C 64 -16.86 1.34 11.58
C ARG C 64 -17.35 -0.10 11.67
N ILE C 65 -16.45 -1.05 11.89
CA ILE C 65 -16.85 -2.45 12.03
C ILE C 65 -17.76 -2.63 13.24
N PHE C 66 -17.36 -2.06 14.37
CA PHE C 66 -18.16 -2.21 15.59
C PHE C 66 -19.53 -1.54 15.43
N LEU C 67 -19.55 -0.37 14.82
CA LEU C 67 -20.84 0.30 14.58
C LEU C 67 -21.70 -0.50 13.61
N PHE C 68 -21.07 -1.15 12.63
CA PHE C 68 -21.81 -2.00 11.71
C PHE C 68 -22.47 -3.15 12.47
N ASN C 69 -21.73 -3.77 13.39
CA ASN C 69 -22.32 -4.84 14.19
C ASN C 69 -23.47 -4.33 15.05
N LEU C 70 -23.31 -3.15 15.64
CA LEU C 70 -24.39 -2.57 16.43
C LEU C 70 -25.64 -2.39 15.56
N ALA C 71 -25.45 -1.85 14.34
CA ALA C 71 -26.57 -1.66 13.44
C ALA C 71 -27.21 -3.00 13.06
N VAL C 72 -26.41 -4.04 12.87
CA VAL C 72 -26.95 -5.36 12.54
C VAL C 72 -27.84 -5.85 13.67
N ALA C 73 -27.36 -5.73 14.91
CA ALA C 73 -28.16 -6.17 16.04
C ALA C 73 -29.46 -5.38 16.13
N ASP C 74 -29.40 -4.07 15.92
CA ASP C 74 -30.62 -3.27 15.99
C ASP C 74 -31.60 -3.65 14.89
N PHE C 75 -31.09 -3.88 13.68
CA PHE C 75 -31.94 -4.32 12.58
C PHE C 75 -32.65 -5.62 12.92
N LEU C 76 -31.88 -6.62 13.39
CA LEU C 76 -32.48 -7.89 13.75
C LEU C 76 -33.54 -7.72 14.83
N LEU C 77 -33.27 -6.87 15.83
CA LEU C 77 -34.23 -6.70 16.91
C LEU C 77 -35.52 -6.07 16.41
N ILE C 78 -35.43 -5.06 15.55
CA ILE C 78 -36.65 -4.40 15.11
C ILE C 78 -37.45 -5.28 14.14
N ILE C 79 -36.79 -6.04 13.27
CA ILE C 79 -37.56 -6.80 12.28
C ILE C 79 -38.50 -7.80 12.94
N CYS C 80 -38.26 -8.17 14.20
CA CYS C 80 -39.15 -9.08 14.91
C CYS C 80 -40.16 -8.36 15.80
N LEU C 81 -40.21 -7.04 15.75
CA LEU C 81 -41.20 -6.31 16.54
C LEU C 81 -42.61 -6.46 16.01
N PRO C 82 -42.85 -6.61 14.70
CA PRO C 82 -44.23 -6.83 14.24
C PRO C 82 -44.89 -8.04 14.87
N PHE C 83 -44.13 -9.10 15.15
CA PHE C 83 -44.69 -10.27 15.82
C PHE C 83 -45.09 -9.95 17.25
N LEU C 84 -44.31 -9.15 17.96
CA LEU C 84 -44.73 -8.67 19.27
C LEU C 84 -46.01 -7.85 19.16
N THR C 85 -46.10 -6.99 18.16
CA THR C 85 -47.31 -6.21 17.96
C THR C 85 -48.51 -7.11 17.73
N ASP C 86 -48.32 -8.18 16.98
CA ASP C 86 -49.39 -9.15 16.76
C ASP C 86 -49.79 -9.81 18.06
N ASN C 87 -48.81 -10.23 18.86
CA ASN C 87 -49.11 -10.83 20.15
C ASN C 87 -49.89 -9.88 21.05
N TYR C 88 -49.67 -8.56 20.89
CA TYR C 88 -50.36 -7.61 21.75
C TYR C 88 -51.76 -7.28 21.24
N VAL C 89 -51.91 -7.01 19.95
CA VAL C 89 -53.22 -6.61 19.43
C VAL C 89 -54.25 -7.69 19.69
N HIS C 90 -53.84 -8.96 19.69
CA HIS C 90 -54.73 -10.06 20.02
C HIS C 90 -54.78 -10.32 21.53
N ASN C 91 -54.24 -9.41 22.34
CA ASN C 91 -54.28 -9.54 23.80
C ASN C 91 -53.62 -10.85 24.22
N TRP C 92 -52.33 -10.94 23.97
CA TRP C 92 -51.53 -12.09 24.41
C TRP C 92 -52.02 -13.38 23.79
N ASP C 93 -52.13 -13.41 22.46
CA ASP C 93 -52.55 -14.60 21.71
C ASP C 93 -51.58 -14.80 20.56
N TRP C 94 -50.65 -15.73 20.74
CA TRP C 94 -49.72 -16.10 19.70
C TRP C 94 -50.43 -17.01 18.70
N ARG C 95 -50.36 -16.66 17.42
CA ARG C 95 -51.04 -17.43 16.38
C ARG C 95 -50.12 -18.33 15.58
N PHE C 96 -48.82 -18.39 15.91
CA PHE C 96 -47.85 -19.04 15.03
C PHE C 96 -47.30 -20.35 15.58
N GLY C 97 -47.47 -20.64 16.87
CA GLY C 97 -47.02 -21.90 17.42
C GLY C 97 -45.77 -21.75 18.27
N GLY C 98 -45.19 -22.89 18.63
CA GLY C 98 -44.16 -22.90 19.65
C GLY C 98 -42.80 -22.50 19.14
N ILE C 99 -42.28 -23.25 18.16
CA ILE C 99 -40.94 -23.03 17.63
C ILE C 99 -40.82 -21.58 17.17
N PRO C 100 -41.81 -21.03 16.48
CA PRO C 100 -41.71 -19.63 16.05
C PRO C 100 -41.47 -18.66 17.19
N CYS C 101 -42.14 -18.81 18.34
CA CYS C 101 -42.00 -17.79 19.36
C CYS C 101 -40.82 -18.07 20.28
N ARG C 102 -40.48 -19.35 20.45
CA ARG C 102 -39.14 -19.68 20.89
C ARG C 102 -38.11 -18.84 20.16
N VAL C 103 -38.14 -18.88 18.82
CA VAL C 103 -37.16 -18.18 18.02
C VAL C 103 -37.31 -16.67 18.18
N MET C 104 -38.53 -16.17 18.23
CA MET C 104 -38.76 -14.74 18.35
C MET C 104 -38.24 -14.18 19.67
N LEU C 105 -38.53 -14.86 20.78
CA LEU C 105 -38.00 -14.44 22.07
C LEU C 105 -36.49 -14.56 22.11
N PHE C 106 -35.94 -15.63 21.52
CA PHE C 106 -34.49 -15.77 21.47
C PHE C 106 -33.88 -14.60 20.72
N MET C 107 -34.48 -14.22 19.60
CA MET C 107 -33.97 -13.11 18.81
C MET C 107 -34.02 -11.82 19.62
N LEU C 108 -35.14 -11.56 20.28
CA LEU C 108 -35.23 -10.35 21.10
C LEU C 108 -34.10 -10.30 22.12
N ALA C 109 -33.94 -11.38 22.89
CA ALA C 109 -32.93 -11.38 23.94
C ALA C 109 -31.52 -11.24 23.37
N MET C 110 -31.19 -12.05 22.37
CA MET C 110 -29.84 -12.05 21.81
C MET C 110 -29.51 -10.70 21.15
N ASN C 111 -30.45 -10.12 20.42
CA ASN C 111 -30.18 -8.85 19.77
C ASN C 111 -30.06 -7.71 20.77
N LYS C 112 -30.90 -7.67 21.82
CA LYS C 112 -30.70 -6.65 22.83
C LYS C 112 -29.34 -6.79 23.50
N GLN C 113 -28.96 -8.02 23.86
CA GLN C 113 -27.66 -8.23 24.50
C GLN C 113 -26.53 -7.82 23.57
N GLY C 114 -26.62 -8.15 22.29
CA GLY C 114 -25.59 -7.76 21.35
C GLY C 114 -25.49 -6.26 21.18
N SER C 115 -26.64 -5.58 21.10
CA SER C 115 -26.62 -4.12 21.00
C SER C 115 -25.96 -3.50 22.22
N ILE C 116 -26.28 -4.01 23.41
CA ILE C 116 -25.65 -3.46 24.62
C ILE C 116 -24.14 -3.72 24.60
N ILE C 117 -23.74 -4.93 24.23
CA ILE C 117 -22.31 -5.26 24.21
C ILE C 117 -21.58 -4.33 23.26
N PHE C 118 -22.16 -4.03 22.10
CA PHE C 118 -21.44 -3.21 21.14
C PHE C 118 -21.48 -1.73 21.50
N LEU C 119 -22.54 -1.27 22.16
CA LEU C 119 -22.48 0.05 22.79
C LEU C 119 -21.28 0.14 23.74
N THR C 120 -21.11 -0.88 24.58
CA THR C 120 -20.01 -0.86 25.54
C THR C 120 -18.66 -0.90 24.81
N VAL C 121 -18.56 -1.69 23.74
CA VAL C 121 -17.31 -1.77 23.00
C VAL C 121 -16.96 -0.42 22.39
N VAL C 122 -17.94 0.26 21.80
CA VAL C 122 -17.70 1.58 21.25
C VAL C 122 -17.27 2.56 22.34
N ALA C 123 -17.94 2.50 23.50
CA ALA C 123 -17.58 3.39 24.60
C ALA C 123 -16.14 3.17 25.05
N VAL C 124 -15.74 1.91 25.21
CA VAL C 124 -14.38 1.62 25.68
C VAL C 124 -13.36 2.01 24.62
N ALA C 125 -13.67 1.81 23.34
CA ALA C 125 -12.76 2.24 22.29
C ALA C 125 -12.57 3.75 22.31
N ARG C 126 -13.67 4.51 22.50
CA ARG C 126 -13.54 5.95 22.63
C ARG C 126 -12.69 6.31 23.85
N TYR C 127 -12.89 5.61 24.95
CA TYR C 127 -12.10 5.88 26.15
C TYR C 127 -10.62 5.70 25.87
N PHE C 128 -10.26 4.60 25.21
CA PHE C 128 -8.86 4.37 24.89
C PHE C 128 -8.33 5.39 23.89
N ARG C 129 -9.20 5.86 22.99
CA ARG C 129 -8.76 6.78 21.97
C ARG C 129 -8.46 8.16 22.54
N VAL C 130 -9.24 8.59 23.53
CA VAL C 130 -9.09 9.94 24.09
C VAL C 130 -8.15 9.94 25.29
N VAL C 131 -8.15 8.88 26.11
CA VAL C 131 -7.39 8.90 27.34
C VAL C 131 -6.01 8.29 27.15
N HIS C 132 -5.88 7.33 26.24
CA HIS C 132 -4.60 6.69 25.93
C HIS C 132 -4.35 6.83 24.43
N PRO C 133 -3.94 8.01 23.96
CA PRO C 133 -3.77 8.21 22.53
C PRO C 133 -2.76 7.28 21.91
N HIS C 134 -1.71 6.92 22.65
CA HIS C 134 -0.62 6.10 22.13
C HIS C 134 -0.65 4.68 22.65
N HIS C 135 -1.80 4.20 23.11
CA HIS C 135 -1.99 2.76 23.29
C HIS C 135 -2.02 2.09 21.92
N PHE C 136 -1.76 0.78 21.90
CA PHE C 136 -1.76 0.07 20.63
C PHE C 136 -3.17 -0.30 20.20
N LEU C 137 -4.14 -0.26 21.10
CA LEU C 137 -5.52 -0.53 20.73
C LEU C 137 -6.02 0.41 19.64
N ASN C 138 -5.53 1.64 19.62
CA ASN C 138 -5.92 2.61 18.63
C ASN C 138 -5.40 2.29 17.24
N LYS C 139 -4.53 1.30 17.15
CA LYS C 139 -3.91 0.97 15.84
C LYS C 139 -4.22 -0.50 15.50
N ILE C 140 -5.28 -1.07 16.09
CA ILE C 140 -5.71 -2.43 15.76
C ILE C 140 -6.18 -2.47 14.32
N SER C 141 -5.81 -3.55 13.62
CA SER C 141 -6.21 -3.74 12.23
C SER C 141 -7.63 -4.31 12.16
N ASN C 142 -8.22 -4.22 10.97
CA ASN C 142 -9.60 -4.67 10.78
C ASN C 142 -9.77 -6.13 11.15
N ARG C 143 -8.74 -6.95 10.93
CA ARG C 143 -8.85 -8.37 11.20
C ARG C 143 -9.14 -8.63 12.67
N THR C 144 -8.42 -7.97 13.57
CA THR C 144 -8.64 -8.17 14.99
C THR C 144 -10.01 -7.65 15.40
N ALA C 145 -10.47 -6.57 14.78
CA ALA C 145 -11.82 -6.09 15.04
C ALA C 145 -12.84 -7.14 14.65
N ALA C 146 -12.64 -7.77 13.49
CA ALA C 146 -13.56 -8.82 13.05
C ALA C 146 -13.55 -10.01 14.02
N ILE C 147 -12.38 -10.41 14.48
CA ILE C 147 -12.30 -11.57 15.39
C ILE C 147 -12.95 -11.23 16.73
N ILE C 148 -12.71 -10.03 17.25
CA ILE C 148 -13.33 -9.62 18.50
C ILE C 148 -14.85 -9.58 18.33
N SER C 149 -15.32 -9.02 17.22
CA SER C 149 -16.76 -8.94 16.98
C SER C 149 -17.38 -10.33 16.89
N CYS C 150 -16.70 -11.26 16.20
CA CYS C 150 -17.22 -12.62 16.11
C CYS C 150 -17.27 -13.28 17.47
N PHE C 151 -16.23 -13.12 18.28
CA PHE C 151 -16.23 -13.73 19.60
C PHE C 151 -17.33 -13.15 20.48
N LEU C 152 -17.56 -11.84 20.39
CA LEU C 152 -18.62 -11.23 21.16
C LEU C 152 -20.00 -11.73 20.72
N TRP C 153 -20.22 -11.86 19.40
CA TRP C 153 -21.46 -12.46 18.92
C TRP C 153 -21.61 -13.87 19.46
N GLY C 154 -20.54 -14.65 19.43
CA GLY C 154 -20.59 -16.01 19.95
C GLY C 154 -20.94 -16.04 21.42
N LEU C 155 -20.40 -15.08 22.18
CA LEU C 155 -20.75 -14.97 23.59
C LEU C 155 -22.24 -14.71 23.76
N THR C 156 -22.78 -13.80 22.94
CA THR C 156 -24.21 -13.50 23.04
C THR C 156 -25.06 -14.74 22.77
N ILE C 157 -24.75 -15.46 21.69
CA ILE C 157 -25.55 -16.64 21.37
C ILE C 157 -25.37 -17.70 22.45
N GLY C 158 -24.15 -17.90 22.92
CA GLY C 158 -23.93 -18.90 23.96
C GLY C 158 -24.70 -18.58 25.22
N LEU C 159 -24.87 -17.30 25.52
CA LEU C 159 -25.64 -16.91 26.70
C LEU C 159 -27.14 -17.06 26.49
N THR C 160 -27.65 -16.77 25.29
CA THR C 160 -29.10 -16.72 25.09
C THR C 160 -29.69 -17.93 24.39
N VAL C 161 -28.90 -18.94 24.02
CA VAL C 161 -29.45 -20.07 23.28
C VAL C 161 -30.34 -20.95 24.14
N HIS C 162 -30.25 -20.82 25.46
CA HIS C 162 -31.15 -21.58 26.33
C HIS C 162 -32.60 -21.27 26.04
N LEU C 163 -32.88 -20.09 25.47
CA LEU C 163 -34.25 -19.79 25.07
C LEU C 163 -34.74 -20.76 24.01
N LEU C 164 -33.95 -21.01 22.98
CA LEU C 164 -34.29 -22.06 22.02
C LEU C 164 -34.28 -23.42 22.69
N TYR C 165 -33.40 -23.64 23.65
CA TYR C 165 -33.35 -24.93 24.34
C TYR C 165 -34.66 -25.21 25.08
N THR C 166 -35.20 -24.21 25.77
CA THR C 166 -36.31 -24.41 26.69
C THR C 166 -37.65 -24.10 26.03
N ASN C 167 -38.73 -24.39 26.75
CA ASN C 167 -40.10 -24.17 26.28
C ASN C 167 -40.63 -22.88 26.89
N MET C 168 -41.42 -22.15 26.10
CA MET C 168 -41.99 -20.88 26.53
C MET C 168 -43.47 -20.73 26.15
N MET C 169 -44.02 -21.66 25.39
CA MET C 169 -45.41 -21.61 24.95
C MET C 169 -46.26 -22.37 25.96
N THR C 170 -47.34 -21.74 26.42
CA THR C 170 -48.23 -22.33 27.42
C THR C 170 -49.66 -21.89 27.17
N LYS C 171 -50.59 -22.83 27.39
CA LYS C 171 -52.03 -22.56 27.12
C LYS C 171 -52.68 -21.85 28.30
N ASN C 172 -53.18 -20.65 28.05
CA ASN C 172 -53.83 -19.82 29.07
C ASN C 172 -55.33 -19.80 28.75
N GLY C 173 -56.03 -20.79 29.25
CA GLY C 173 -57.48 -20.81 29.07
C GLY C 173 -57.85 -21.01 27.61
N GLU C 174 -58.41 -19.96 27.01
CA GLU C 174 -58.80 -19.96 25.61
C GLU C 174 -57.71 -19.38 24.70
N ALA C 175 -56.56 -19.01 25.26
CA ALA C 175 -55.51 -18.33 24.50
C ALA C 175 -54.20 -19.09 24.62
N TYR C 176 -53.21 -18.64 23.87
CA TYR C 176 -51.86 -19.21 23.91
C TYR C 176 -50.86 -18.11 24.23
N LEU C 177 -50.17 -18.22 25.37
CA LEU C 177 -49.25 -17.14 25.83
C LEU C 177 -47.78 -17.53 25.65
N CYS C 178 -47.00 -16.72 24.91
CA CYS C 178 -45.54 -16.98 24.80
C CYS C 178 -44.80 -15.84 25.51
N SER C 179 -43.89 -16.16 26.42
CA SER C 179 -43.24 -15.06 27.20
C SER C 179 -42.13 -15.54 28.14
N SER C 180 -40.96 -14.91 28.09
CA SER C 180 -39.87 -15.13 29.03
C SER C 180 -39.97 -14.25 30.26
N PHE C 181 -41.06 -13.50 30.41
CA PHE C 181 -41.23 -12.55 31.51
C PHE C 181 -42.59 -12.71 32.19
N SER C 182 -42.96 -13.95 32.51
CA SER C 182 -44.12 -14.18 33.37
C SER C 182 -43.71 -14.04 34.83
N ILE C 183 -44.58 -13.43 35.61
CA ILE C 183 -44.28 -13.19 37.02
C ILE C 183 -44.37 -14.53 37.74
N CYS C 184 -43.22 -15.18 37.95
CA CYS C 184 -43.14 -16.52 38.49
C CYS C 184 -42.28 -16.53 39.74
N TYR C 185 -42.63 -17.38 40.71
CA TYR C 185 -41.78 -17.60 41.87
C TYR C 185 -40.62 -18.51 41.45
N ASN C 186 -39.82 -17.97 40.53
CA ASN C 186 -38.69 -18.71 39.99
C ASN C 186 -37.67 -17.67 39.51
N PHE C 187 -36.66 -17.43 40.34
CA PHE C 187 -35.55 -16.59 39.92
C PHE C 187 -34.55 -17.43 39.16
N ARG C 188 -34.42 -17.15 37.86
CA ARG C 188 -33.63 -17.98 36.97
C ARG C 188 -32.58 -17.11 36.28
N TRP C 189 -31.64 -17.78 35.60
CA TRP C 189 -30.50 -17.09 35.02
C TRP C 189 -30.92 -16.02 34.03
N HIS C 190 -32.10 -16.16 33.42
CA HIS C 190 -32.56 -15.16 32.48
C HIS C 190 -32.74 -13.81 33.17
N ASP C 191 -33.29 -13.79 34.38
CA ASP C 191 -33.45 -12.55 35.13
C ASP C 191 -32.12 -11.96 35.57
N ALA C 192 -31.18 -12.79 36.02
CA ALA C 192 -29.85 -12.28 36.35
C ALA C 192 -29.18 -11.66 35.14
N MET C 193 -29.29 -12.30 33.98
CA MET C 193 -28.76 -11.70 32.76
C MET C 193 -29.45 -10.39 32.44
N PHE C 194 -30.77 -10.33 32.63
CA PHE C 194 -31.52 -9.13 32.34
C PHE C 194 -31.04 -7.96 33.21
N LEU C 195 -30.80 -8.23 34.50
CA LEU C 195 -30.28 -7.17 35.36
C LEU C 195 -28.85 -6.78 35.00
N LEU C 196 -28.01 -7.78 34.73
CA LEU C 196 -26.60 -7.49 34.46
C LEU C 196 -26.43 -6.69 33.18
N GLU C 197 -27.15 -7.05 32.12
CA GLU C 197 -27.08 -6.34 30.86
C GLU C 197 -27.28 -4.85 31.01
N PHE C 198 -27.86 -4.41 32.13
CA PHE C 198 -27.93 -3.00 32.45
C PHE C 198 -26.82 -2.56 33.40
N PHE C 199 -26.65 -3.29 34.51
CA PHE C 199 -25.82 -2.76 35.58
C PHE C 199 -24.33 -2.77 35.21
N LEU C 200 -23.86 -3.82 34.53
CA LEU C 200 -22.43 -3.88 34.24
C LEU C 200 -22.04 -2.96 33.08
N PRO C 201 -22.64 -3.08 31.90
CA PRO C 201 -22.32 -2.13 30.82
C PRO C 201 -22.63 -0.70 31.17
N LEU C 202 -23.63 -0.42 32.00
CA LEU C 202 -23.86 0.95 32.45
C LEU C 202 -22.64 1.48 33.20
N ALA C 203 -22.09 0.67 34.12
CA ALA C 203 -20.91 1.09 34.86
C ALA C 203 -19.75 1.35 33.92
N ILE C 204 -19.53 0.44 32.97
CA ILE C 204 -18.43 0.63 32.02
C ILE C 204 -18.63 1.91 31.22
N ILE C 205 -19.83 2.13 30.72
CA ILE C 205 -20.09 3.28 29.85
C ILE C 205 -19.92 4.58 30.63
N LEU C 206 -20.47 4.65 31.83
CA LEU C 206 -20.37 5.87 32.62
C LEU C 206 -18.93 6.16 33.00
N PHE C 207 -18.17 5.13 33.40
CA PHE C 207 -16.77 5.36 33.74
C PHE C 207 -15.99 5.86 32.54
N CYS C 208 -16.10 5.11 31.43
CA CYS C 208 -15.34 5.50 30.22
C CYS C 208 -15.68 6.96 29.91
N SER C 209 -16.96 7.30 29.90
CA SER C 209 -17.35 8.68 29.53
C SER C 209 -16.77 9.67 30.52
N GLY C 210 -16.81 9.36 31.83
CA GLY C 210 -16.32 10.33 32.81
C GLY C 210 -14.83 10.60 32.63
N ARG C 211 -14.06 9.55 32.40
CA ARG C 211 -12.60 9.69 32.16
C ARG C 211 -12.36 10.50 30.88
N ILE C 212 -13.13 10.24 29.82
CA ILE C 212 -12.93 10.96 28.52
C ILE C 212 -13.22 12.44 28.72
N ILE C 213 -14.26 12.78 29.49
CA ILE C 213 -14.66 14.20 29.68
C ILE C 213 -13.69 14.87 30.65
N TRP C 214 -13.17 14.12 31.61
CA TRP C 214 -12.17 14.66 32.53
C TRP C 214 -10.86 14.92 31.81
N SER C 215 -10.42 13.98 30.97
CA SER C 215 -9.18 14.16 30.23
C SER C 215 -9.29 15.32 29.25
N LEU C 216 -10.43 15.45 28.57
CA LEU C 216 -10.57 16.54 27.62
C LEU C 216 -10.57 17.89 28.32
N ARG C 217 -11.19 17.98 29.50
CA ARG C 217 -11.31 19.28 30.14
C ARG C 217 -9.99 19.80 30.68
N GLN C 218 -8.94 18.98 30.68
CA GLN C 218 -7.63 19.45 31.11
C GLN C 218 -6.84 20.14 30.00
N ARG C 219 -7.33 20.15 28.76
CA ARG C 219 -6.63 20.74 27.63
C ARG C 219 -7.54 21.74 26.92
N GLN C 220 -7.07 22.97 26.81
CA GLN C 220 -7.89 24.08 26.33
C GLN C 220 -7.22 24.80 25.15
N MET C 221 -6.71 24.04 24.18
CA MET C 221 -5.88 24.61 23.12
C MET C 221 -6.75 25.07 21.94
N ASP C 222 -7.71 25.93 22.26
CA ASP C 222 -8.38 26.77 21.27
C ASP C 222 -9.08 25.94 20.19
N ARG C 223 -9.82 24.90 20.58
CA ARG C 223 -10.63 24.13 19.60
C ARG C 223 -11.89 23.65 20.32
N HIS C 224 -12.35 24.44 21.30
CA HIS C 224 -13.49 24.02 22.12
C HIS C 224 -14.73 23.79 21.29
N ALA C 225 -14.83 24.42 20.12
CA ALA C 225 -16.05 24.35 19.34
C ALA C 225 -16.47 22.91 19.07
N LYS C 226 -15.51 22.02 18.85
CA LYS C 226 -15.83 20.64 18.52
C LYS C 226 -15.64 19.69 19.69
N ILE C 227 -14.73 20.00 20.61
CA ILE C 227 -14.60 19.18 21.81
C ILE C 227 -15.86 19.25 22.64
N LYS C 228 -16.48 20.43 22.70
CA LYS C 228 -17.78 20.53 23.40
C LYS C 228 -18.73 19.55 22.72
N ARG C 229 -18.83 19.63 21.39
CA ARG C 229 -19.75 18.77 20.66
C ARG C 229 -19.52 17.30 21.01
N ALA C 230 -18.26 16.88 21.06
CA ALA C 230 -17.96 15.49 21.41
C ALA C 230 -18.41 15.16 22.83
N ILE C 231 -18.16 16.08 23.77
CA ILE C 231 -18.58 15.84 25.15
C ILE C 231 -20.11 15.74 25.23
N ASN C 232 -20.81 16.62 24.51
CA ASN C 232 -22.26 16.56 24.49
C ASN C 232 -22.74 15.23 23.96
N PHE C 233 -22.11 14.72 22.90
CA PHE C 233 -22.54 13.46 22.32
C PHE C 233 -22.27 12.29 23.27
N ILE C 234 -21.13 12.30 23.98
CA ILE C 234 -20.87 11.24 24.95
C ILE C 234 -21.95 11.25 26.04
N MET C 235 -22.25 12.44 26.57
CA MET C 235 -23.30 12.55 27.58
C MET C 235 -24.64 12.10 27.03
N VAL C 236 -24.93 12.43 25.77
CA VAL C 236 -26.19 12.03 25.16
C VAL C 236 -26.29 10.51 25.12
N VAL C 237 -25.19 9.84 24.75
CA VAL C 237 -25.21 8.38 24.73
C VAL C 237 -25.51 7.84 26.11
N ALA C 238 -24.82 8.36 27.13
CA ALA C 238 -25.03 7.84 28.49
C ALA C 238 -26.48 8.02 28.93
N ILE C 239 -27.02 9.23 28.78
CA ILE C 239 -28.38 9.48 29.24
C ILE C 239 -29.40 8.70 28.43
N VAL C 240 -29.17 8.55 27.12
CA VAL C 240 -30.10 7.75 26.32
C VAL C 240 -30.14 6.31 26.83
N PHE C 241 -28.97 5.72 27.07
CA PHE C 241 -28.93 4.37 27.62
C PHE C 241 -29.72 4.30 28.93
N ILE C 242 -29.46 5.24 29.84
CA ILE C 242 -30.10 5.16 31.14
C ILE C 242 -31.62 5.27 31.00
N ILE C 243 -32.10 6.28 30.29
CA ILE C 243 -33.54 6.48 30.21
C ILE C 243 -34.20 5.31 29.50
N CYS C 244 -33.53 4.73 28.50
CA CYS C 244 -34.14 3.60 27.79
C CYS C 244 -34.26 2.37 28.68
N PHE C 245 -33.20 2.01 29.39
CA PHE C 245 -33.15 0.69 30.01
C PHE C 245 -33.43 0.66 31.51
N LEU C 246 -33.22 1.75 32.25
CA LEU C 246 -33.43 1.70 33.69
C LEU C 246 -34.87 1.40 34.09
N PRO C 247 -35.90 2.00 33.47
CA PRO C 247 -37.27 1.76 33.94
C PRO C 247 -37.66 0.30 34.07
N SER C 248 -37.44 -0.51 33.04
CA SER C 248 -37.83 -1.91 33.11
C SER C 248 -37.09 -2.65 34.20
N VAL C 249 -35.79 -2.39 34.36
CA VAL C 249 -35.04 -3.02 35.44
C VAL C 249 -35.62 -2.63 36.79
N ALA C 250 -35.98 -1.36 36.95
CA ALA C 250 -36.55 -0.92 38.22
C ALA C 250 -37.85 -1.64 38.52
N VAL C 251 -38.72 -1.72 37.51
CA VAL C 251 -40.00 -2.42 37.69
C VAL C 251 -39.75 -3.88 38.05
N ARG C 252 -38.80 -4.51 37.38
CA ARG C 252 -38.50 -5.92 37.67
C ARG C 252 -37.95 -6.10 39.07
N ILE C 253 -37.18 -5.14 39.58
CA ILE C 253 -36.66 -5.24 40.94
C ILE C 253 -37.79 -5.13 41.95
N ARG C 254 -38.73 -4.21 41.69
CA ARG C 254 -39.95 -4.19 42.48
C ARG C 254 -40.67 -5.54 42.43
N ILE C 255 -40.72 -6.14 41.23
CA ILE C 255 -41.38 -7.44 41.08
C ILE C 255 -40.69 -8.49 41.93
N PHE C 256 -39.36 -8.47 41.98
CA PHE C 256 -38.64 -9.47 42.76
C PHE C 256 -38.81 -9.25 44.25
N TRP C 257 -38.86 -7.98 44.68
CA TRP C 257 -39.16 -7.72 46.09
C TRP C 257 -40.53 -8.25 46.46
N LEU C 258 -41.53 -7.97 45.62
CA LEU C 258 -42.86 -8.50 45.87
C LEU C 258 -42.86 -10.02 45.92
N LEU C 259 -42.23 -10.67 44.94
CA LEU C 259 -42.21 -12.12 44.91
C LEU C 259 -41.56 -12.70 46.17
N TYR C 260 -40.46 -12.09 46.60
CA TYR C 260 -39.78 -12.57 47.80
C TYR C 260 -40.70 -12.44 49.02
N LYS C 261 -41.37 -11.31 49.16
CA LYS C 261 -42.18 -11.12 50.36
C LYS C 261 -43.59 -11.68 50.19
N TYR C 262 -44.29 -11.34 49.11
CA TYR C 262 -45.66 -11.85 48.88
C TYR C 262 -45.65 -12.88 47.75
N ASN C 263 -45.58 -14.17 48.08
CA ASN C 263 -45.55 -15.22 47.07
C ASN C 263 -46.86 -15.20 46.28
N VAL C 264 -46.90 -15.97 45.20
CA VAL C 264 -47.99 -15.85 44.25
C VAL C 264 -49.17 -16.69 44.74
N ARG C 265 -50.02 -16.02 45.52
CA ARG C 265 -51.24 -16.70 46.05
C ARG C 265 -52.42 -15.76 45.88
N ASN C 266 -52.21 -14.46 46.11
CA ASN C 266 -53.25 -13.45 46.00
C ASN C 266 -52.86 -12.49 44.89
N CYS C 267 -52.35 -13.07 43.81
CA CYS C 267 -51.40 -12.38 42.95
C CYS C 267 -52.02 -11.21 42.20
N ASP C 268 -53.29 -10.87 42.46
CA ASP C 268 -53.84 -9.63 41.94
C ASP C 268 -52.95 -8.43 42.27
N ILE C 269 -52.18 -8.51 43.36
CA ILE C 269 -51.30 -7.41 43.74
C ILE C 269 -50.24 -7.13 42.69
N TYR C 270 -49.84 -8.14 41.91
CA TYR C 270 -48.88 -7.96 40.83
C TYR C 270 -49.51 -7.26 39.62
N SER C 271 -50.84 -7.20 39.57
CA SER C 271 -51.50 -6.82 38.33
C SER C 271 -50.94 -5.51 37.80
N SER C 272 -50.88 -4.48 38.64
CA SER C 272 -50.33 -3.21 38.18
C SER C 272 -48.89 -3.36 37.72
N VAL C 273 -48.01 -3.92 38.57
CA VAL C 273 -46.60 -3.92 38.23
C VAL C 273 -46.39 -4.64 36.91
N ASP C 274 -47.09 -5.76 36.70
CA ASP C 274 -46.97 -6.48 35.43
C ASP C 274 -47.21 -5.54 34.26
N LEU C 275 -48.34 -4.83 34.26
CA LEU C 275 -48.59 -3.88 33.19
C LEU C 275 -47.42 -2.93 33.04
N ALA C 276 -46.97 -2.34 34.15
CA ALA C 276 -45.84 -1.43 34.10
C ALA C 276 -44.68 -2.05 33.35
N PHE C 277 -44.32 -3.28 33.71
CA PHE C 277 -43.17 -3.91 33.07
C PHE C 277 -43.33 -3.91 31.56
N PHE C 278 -44.49 -4.36 31.08
CA PHE C 278 -44.63 -4.50 29.63
C PHE C 278 -44.85 -3.15 28.95
N THR C 279 -45.13 -2.11 29.72
CA THR C 279 -45.11 -0.77 29.16
C THR C 279 -43.71 -0.17 29.14
N THR C 280 -42.77 -0.73 29.89
CA THR C 280 -41.40 -0.24 29.91
C THR C 280 -40.47 -1.02 28.99
N LEU C 281 -40.72 -2.30 28.76
CA LEU C 281 -39.93 -3.04 27.78
C LEU C 281 -39.91 -2.32 26.44
N SER C 282 -41.02 -1.67 26.07
CA SER C 282 -41.06 -0.94 24.83
C SER C 282 -39.89 0.03 24.73
N PHE C 283 -39.58 0.74 25.80
CA PHE C 283 -38.46 1.68 25.77
C PHE C 283 -37.16 1.00 25.39
N THR C 284 -36.91 -0.21 25.91
CA THR C 284 -35.70 -0.93 25.57
C THR C 284 -35.59 -1.18 24.07
N TYR C 285 -36.70 -1.34 23.38
CA TYR C 285 -36.65 -1.47 21.92
C TYR C 285 -36.37 -0.11 21.28
N MET C 286 -36.92 0.95 21.83
CA MET C 286 -36.77 2.28 21.24
C MET C 286 -35.31 2.69 21.15
N ASN C 287 -34.46 2.20 22.05
CA ASN C 287 -33.04 2.49 21.93
C ASN C 287 -32.54 2.21 20.52
N SER C 288 -32.96 1.08 19.94
CA SER C 288 -32.45 0.67 18.64
C SER C 288 -32.81 1.64 17.54
N MET C 289 -33.89 2.43 17.69
CA MET C 289 -34.20 3.44 16.68
C MET C 289 -33.49 4.76 16.96
N LEU C 290 -33.09 5.02 18.20
CA LEU C 290 -32.30 6.19 18.50
C LEU C 290 -30.84 6.03 18.10
N ASP C 291 -30.30 4.82 18.27
CA ASP C 291 -28.87 4.61 18.09
C ASP C 291 -28.35 5.14 16.77
N PRO C 292 -29.03 4.95 15.63
CA PRO C 292 -28.52 5.55 14.39
C PRO C 292 -28.34 7.05 14.48
N VAL C 293 -29.24 7.76 15.17
CA VAL C 293 -29.11 9.20 15.30
C VAL C 293 -27.95 9.56 16.23
N VAL C 294 -27.79 8.82 17.32
CA VAL C 294 -26.75 9.14 18.29
C VAL C 294 -25.38 8.88 17.70
N TYR C 295 -25.17 7.73 17.07
CA TYR C 295 -23.84 7.30 16.69
C TYR C 295 -23.47 7.65 15.26
N TYR C 296 -24.33 7.36 14.28
CA TYR C 296 -23.97 7.52 12.87
C TYR C 296 -24.36 8.87 12.32
N PHE C 297 -25.65 9.23 12.39
CA PHE C 297 -26.12 10.43 11.72
C PHE C 297 -25.54 11.70 12.33
N SER C 298 -24.94 11.62 13.51
CA SER C 298 -24.30 12.78 14.09
C SER C 298 -22.99 13.13 13.40
N SER C 299 -22.35 12.17 12.75
CA SER C 299 -21.10 12.43 12.05
C SER C 299 -21.38 13.32 10.83
N PRO C 300 -20.39 14.13 10.39
CA PRO C 300 -20.61 15.00 9.22
C PRO C 300 -20.60 14.24 7.90
N SER C 301 -21.74 13.67 7.52
CA SER C 301 -21.86 12.95 6.26
C SER C 301 -22.93 13.57 5.37
N GLU D 21 26.87 45.09 -25.41
CA GLU D 21 26.00 45.39 -24.27
C GLU D 21 24.88 44.37 -24.17
N LEU D 22 24.20 44.37 -23.03
CA LEU D 22 23.07 43.47 -22.85
C LEU D 22 21.94 43.77 -23.81
N ASP D 23 21.71 45.05 -24.11
CA ASP D 23 20.60 45.43 -24.99
C ASP D 23 20.78 44.87 -26.39
N GLN D 24 22.01 44.94 -26.93
CA GLN D 24 22.24 44.42 -28.26
C GLN D 24 21.97 42.91 -28.33
N LEU D 25 22.45 42.17 -27.33
CA LEU D 25 22.23 40.73 -27.31
C LEU D 25 20.74 40.41 -27.13
N ARG D 26 20.05 41.21 -26.32
CA ARG D 26 18.60 41.02 -26.18
C ARG D 26 17.89 41.23 -27.51
N GLN D 27 18.28 42.28 -28.25
CA GLN D 27 17.66 42.54 -29.54
C GLN D 27 17.93 41.39 -30.51
N GLU D 28 19.17 40.90 -30.53
CA GLU D 28 19.50 39.79 -31.42
C GLU D 28 18.71 38.54 -31.05
N ALA D 29 18.55 38.28 -29.76
CA ALA D 29 17.77 37.12 -29.33
C ALA D 29 16.30 37.27 -29.74
N GLU D 30 15.73 38.46 -29.59
CA GLU D 30 14.36 38.68 -30.02
C GLU D 30 14.22 38.49 -31.52
N GLN D 31 15.20 38.97 -32.29
CA GLN D 31 15.16 38.79 -33.74
C GLN D 31 15.22 37.32 -34.11
N LEU D 32 16.08 36.55 -33.45
CA LEU D 32 16.17 35.12 -33.73
C LEU D 32 14.88 34.40 -33.35
N LYS D 33 14.25 34.78 -32.24
CA LYS D 33 12.98 34.17 -31.86
C LYS D 33 11.91 34.47 -32.90
N ASN D 34 11.87 35.71 -33.38
CA ASN D 34 10.92 36.05 -34.44
C ASN D 34 11.20 35.25 -35.71
N GLN D 35 12.48 35.09 -36.05
CA GLN D 35 12.83 34.29 -37.21
C GLN D 35 12.35 32.85 -37.07
N ILE D 36 12.53 32.26 -35.90
CA ILE D 36 12.08 30.89 -35.67
C ILE D 36 10.57 30.82 -35.77
N ARG D 37 9.86 31.80 -35.20
CA ARG D 37 8.41 31.79 -35.29
C ARG D 37 7.94 31.86 -36.74
N ASP D 38 8.57 32.72 -37.54
CA ASP D 38 8.20 32.84 -38.94
C ASP D 38 8.49 31.54 -39.70
N ALA D 39 9.64 30.92 -39.42
CA ALA D 39 9.97 29.65 -40.07
C ALA D 39 8.94 28.59 -39.75
N ARG D 40 8.52 28.51 -38.48
CA ARG D 40 7.51 27.53 -38.09
C ARG D 40 6.17 27.84 -38.76
N LYS D 41 5.81 29.13 -38.86
CA LYS D 41 4.57 29.49 -39.54
C LYS D 41 4.60 29.04 -41.00
N ALA D 42 5.74 29.22 -41.66
CA ALA D 42 5.82 28.83 -43.07
C ALA D 42 5.52 27.36 -43.27
N CYS D 43 5.92 26.51 -42.32
CA CYS D 43 5.73 25.07 -42.43
C CYS D 43 4.32 24.63 -42.06
N ALA D 44 3.53 25.48 -41.40
CA ALA D 44 2.19 25.12 -40.94
C ALA D 44 1.19 25.30 -42.08
N ASP D 45 1.32 24.44 -43.07
CA ASP D 45 0.42 24.44 -44.22
C ASP D 45 -0.89 23.72 -43.95
N ALA D 46 -0.91 22.78 -43.02
CA ALA D 46 -2.11 22.02 -42.72
C ALA D 46 -2.04 21.55 -41.28
N THR D 47 -3.21 21.24 -40.72
CA THR D 47 -3.32 20.74 -39.37
C THR D 47 -3.50 19.23 -39.37
N LEU D 48 -2.97 18.59 -38.34
CA LEU D 48 -3.16 17.15 -38.19
C LEU D 48 -4.64 16.79 -38.20
N SER D 49 -5.46 17.64 -37.61
CA SER D 49 -6.90 17.39 -37.58
C SER D 49 -7.49 17.34 -38.97
N GLN D 50 -7.11 18.27 -39.85
CA GLN D 50 -7.64 18.27 -41.21
C GLN D 50 -7.26 16.99 -41.94
N ILE D 51 -6.02 16.54 -41.80
CA ILE D 51 -5.56 15.36 -42.52
C ILE D 51 -6.20 14.10 -41.96
N THR D 52 -6.41 14.04 -40.64
CA THR D 52 -6.97 12.86 -40.00
C THR D 52 -8.49 12.89 -39.92
N ASN D 53 -9.12 13.93 -40.44
CA ASN D 53 -10.58 13.99 -40.50
C ASN D 53 -11.19 12.97 -41.44
N ASN D 54 -10.38 12.32 -42.27
CA ASN D 54 -10.88 11.37 -43.27
C ASN D 54 -10.65 9.91 -42.87
N ILE D 55 -10.33 9.65 -41.60
CA ILE D 55 -10.10 8.29 -41.13
C ILE D 55 -11.13 7.97 -40.06
N ASP D 56 -11.41 6.68 -39.91
CA ASP D 56 -12.46 6.24 -38.99
C ASP D 56 -11.98 6.37 -37.56
N PRO D 57 -12.87 6.68 -36.61
CA PRO D 57 -12.47 6.73 -35.21
C PRO D 57 -12.27 5.34 -34.64
N VAL D 58 -11.41 5.28 -33.62
CA VAL D 58 -11.11 3.99 -33.00
C VAL D 58 -12.33 3.42 -32.30
N GLY D 59 -13.31 4.25 -31.95
CA GLY D 59 -14.49 3.79 -31.28
C GLY D 59 -14.37 3.93 -29.77
N ARG D 60 -15.25 3.21 -29.08
CA ARG D 60 -15.29 3.23 -27.62
C ARG D 60 -14.38 2.14 -27.08
N ILE D 61 -13.37 2.54 -26.32
CA ILE D 61 -12.40 1.62 -25.74
C ILE D 61 -12.83 1.33 -24.31
N GLN D 62 -13.23 0.08 -24.06
CA GLN D 62 -13.68 -0.38 -22.75
C GLN D 62 -12.64 -1.35 -22.23
N MET D 63 -11.62 -0.84 -21.56
CA MET D 63 -10.62 -1.68 -20.93
C MET D 63 -11.02 -1.95 -19.49
N ARG D 64 -10.81 -3.19 -19.06
CA ARG D 64 -11.22 -3.65 -17.74
C ARG D 64 -10.00 -4.00 -16.91
N THR D 65 -10.20 -4.00 -15.60
CA THR D 65 -9.12 -4.30 -14.67
C THR D 65 -8.95 -5.81 -14.54
N ARG D 66 -7.76 -6.29 -14.87
CA ARG D 66 -7.43 -7.70 -14.84
C ARG D 66 -6.63 -8.11 -13.61
N ARG D 67 -5.93 -7.18 -12.99
CA ARG D 67 -5.13 -7.45 -11.80
C ARG D 67 -5.17 -6.25 -10.87
N THR D 68 -4.89 -6.49 -9.60
CA THR D 68 -4.73 -5.44 -8.61
C THR D 68 -3.57 -5.81 -7.70
N LEU D 69 -2.55 -4.97 -7.65
CA LEU D 69 -1.35 -5.22 -6.88
C LEU D 69 -1.48 -4.51 -5.53
N ARG D 70 -1.43 -5.28 -4.45
CA ARG D 70 -1.85 -4.82 -3.13
C ARG D 70 -0.74 -4.90 -2.08
N GLY D 71 0.46 -4.40 -2.40
CA GLY D 71 1.55 -4.49 -1.46
C GLY D 71 1.89 -3.21 -0.73
N HIS D 72 1.86 -2.08 -1.44
CA HIS D 72 2.34 -0.83 -0.86
C HIS D 72 1.41 -0.32 0.22
N LEU D 73 1.98 0.39 1.18
CA LEU D 73 1.24 1.00 2.28
C LEU D 73 1.35 2.52 2.27
N ALA D 74 1.63 3.11 1.11
CA ALA D 74 1.73 4.55 0.99
C ALA D 74 1.52 4.93 -0.47
N LYS D 75 1.70 6.21 -0.77
CA LYS D 75 1.49 6.68 -2.12
C LYS D 75 2.56 6.14 -3.05
N ILE D 76 2.14 5.52 -4.14
CA ILE D 76 3.05 5.04 -5.18
C ILE D 76 3.39 6.23 -6.06
N TYR D 77 4.68 6.48 -6.26
CA TYR D 77 5.10 7.63 -7.05
C TYR D 77 5.63 7.26 -8.43
N ALA D 78 6.10 6.03 -8.58
CA ALA D 78 6.71 5.65 -9.88
C ALA D 78 6.51 4.17 -10.18
N MET D 79 6.28 3.82 -11.44
CA MET D 79 6.20 2.41 -11.87
C MET D 79 7.02 2.26 -13.14
N HIS D 80 7.64 1.11 -13.38
CA HIS D 80 8.33 0.91 -14.69
C HIS D 80 8.21 -0.56 -15.10
N TRP D 81 7.78 -0.81 -16.33
CA TRP D 81 7.74 -2.18 -16.82
C TRP D 81 9.13 -2.69 -17.10
N GLY D 82 9.29 -4.00 -17.06
CA GLY D 82 10.44 -4.66 -17.64
C GLY D 82 10.25 -4.82 -19.13
N THR D 83 11.32 -5.26 -19.78
CA THR D 83 11.25 -5.46 -21.23
C THR D 83 10.59 -6.78 -21.62
N ASP D 84 10.35 -7.67 -20.67
CA ASP D 84 9.66 -8.92 -20.94
C ASP D 84 8.14 -8.77 -20.86
N SER D 85 7.64 -7.58 -20.52
CA SER D 85 6.22 -7.29 -20.43
C SER D 85 5.52 -8.11 -19.36
N ARG D 86 6.26 -8.63 -18.39
CA ARG D 86 5.69 -9.41 -17.30
C ARG D 86 6.08 -8.90 -15.92
N LEU D 87 7.29 -8.38 -15.76
CA LEU D 87 7.78 -7.89 -14.48
C LEU D 87 7.58 -6.39 -14.38
N LEU D 88 7.29 -5.93 -13.16
CA LEU D 88 7.11 -4.51 -12.87
C LEU D 88 8.00 -4.12 -11.71
N VAL D 89 8.34 -2.83 -11.67
CA VAL D 89 8.97 -2.23 -10.50
C VAL D 89 8.12 -1.03 -10.08
N SER D 90 7.84 -0.93 -8.79
CA SER D 90 7.09 0.18 -8.23
C SER D 90 7.81 0.71 -6.99
N ALA D 91 7.66 2.00 -6.73
CA ALA D 91 8.25 2.62 -5.55
C ALA D 91 7.21 3.47 -4.85
N SER D 92 7.15 3.35 -3.52
CA SER D 92 6.17 4.11 -2.77
C SER D 92 6.86 4.96 -1.73
N GLN D 93 6.13 5.86 -1.08
CA GLN D 93 6.79 6.79 -0.11
C GLN D 93 7.06 6.02 1.18
N ASP D 94 6.76 4.73 1.19
CA ASP D 94 7.09 3.88 2.36
C ASP D 94 8.39 3.15 2.06
N GLY D 95 9.25 3.72 1.22
CA GLY D 95 10.45 2.99 0.76
C GLY D 95 9.95 1.73 0.09
N LYS D 96 10.52 0.57 0.42
CA LYS D 96 9.95 -0.71 -0.07
C LYS D 96 9.74 -0.77 -1.59
N LEU D 97 10.73 -0.39 -2.40
CA LEU D 97 10.64 -0.66 -3.86
C LEU D 97 10.24 -2.12 -4.08
N ILE D 98 9.20 -2.41 -4.87
CA ILE D 98 8.71 -3.78 -5.02
C ILE D 98 8.75 -4.18 -6.48
N ILE D 99 9.28 -5.37 -6.75
CA ILE D 99 9.30 -5.95 -8.09
C ILE D 99 8.25 -7.05 -8.14
N TRP D 100 7.28 -6.87 -9.03
CA TRP D 100 6.06 -7.67 -9.15
C TRP D 100 6.11 -8.57 -10.37
N ASP D 101 5.45 -9.72 -10.25
CA ASP D 101 5.11 -10.60 -11.37
C ASP D 101 3.66 -10.31 -11.73
N SER D 102 3.46 -9.65 -12.87
CA SER D 102 2.13 -9.22 -13.27
C SER D 102 1.18 -10.38 -13.53
N TYR D 103 1.63 -11.45 -14.18
CA TYR D 103 0.75 -12.55 -14.55
C TYR D 103 0.16 -13.25 -13.33
N THR D 104 0.96 -13.51 -12.31
CA THR D 104 0.52 -14.23 -11.13
C THR D 104 0.30 -13.34 -9.91
N THR D 105 0.63 -12.05 -10.01
CA THR D 105 0.48 -11.12 -8.90
C THR D 105 1.45 -11.47 -7.77
N ASN D 106 2.51 -12.17 -8.11
CA ASN D 106 3.54 -12.56 -7.15
C ASN D 106 4.54 -11.42 -6.95
N LYS D 107 4.91 -11.20 -5.69
CA LYS D 107 5.99 -10.28 -5.37
C LYS D 107 7.33 -10.98 -5.49
N VAL D 108 8.08 -10.63 -6.52
CA VAL D 108 9.38 -11.24 -6.78
C VAL D 108 10.45 -10.67 -5.85
N HIS D 109 10.45 -9.35 -5.64
CA HIS D 109 11.41 -8.73 -4.72
C HIS D 109 10.76 -7.60 -3.95
N ALA D 110 11.30 -7.32 -2.77
CA ALA D 110 10.94 -6.14 -1.99
C ALA D 110 12.22 -5.52 -1.47
N ILE D 111 12.62 -4.41 -2.07
CA ILE D 111 13.91 -3.77 -1.81
C ILE D 111 13.68 -2.64 -0.79
N PRO D 112 14.38 -2.64 0.34
CA PRO D 112 14.28 -1.49 1.25
C PRO D 112 15.19 -0.36 0.81
N LEU D 113 14.65 0.86 0.88
CA LEU D 113 15.36 2.05 0.43
C LEU D 113 15.99 2.77 1.62
N ARG D 114 17.15 3.37 1.37
CA ARG D 114 17.81 4.19 2.38
C ARG D 114 17.14 5.55 2.55
N SER D 115 16.24 5.92 1.66
CA SER D 115 15.48 7.15 1.78
C SER D 115 14.08 6.91 1.23
N SER D 116 13.06 7.19 2.04
CA SER D 116 11.69 6.95 1.63
C SER D 116 11.15 8.00 0.67
N TRP D 117 11.90 9.08 0.45
CA TRP D 117 11.44 10.15 -0.44
C TRP D 117 11.85 9.83 -1.87
N VAL D 118 11.22 8.79 -2.40
CA VAL D 118 11.47 8.29 -3.74
C VAL D 118 10.44 8.88 -4.68
N MET D 119 10.87 9.28 -5.87
CA MET D 119 10.00 9.91 -6.85
C MET D 119 10.12 9.32 -8.24
N THR D 120 11.09 8.46 -8.51
CA THR D 120 11.23 7.86 -9.83
C THR D 120 11.75 6.44 -9.70
N CYS D 121 11.40 5.61 -10.69
CA CYS D 121 11.89 4.25 -10.83
C CYS D 121 12.39 4.04 -12.24
N ALA D 122 13.26 3.05 -12.41
CA ALA D 122 13.69 2.64 -13.73
C ALA D 122 14.05 1.16 -13.69
N TYR D 123 13.75 0.48 -14.79
CA TYR D 123 14.02 -0.94 -14.95
C TYR D 123 14.93 -1.10 -16.16
N ALA D 124 16.14 -1.58 -15.93
CA ALA D 124 17.10 -1.71 -17.01
C ALA D 124 16.54 -2.65 -18.08
N PRO D 125 16.79 -2.39 -19.37
CA PRO D 125 16.27 -3.28 -20.41
C PRO D 125 17.11 -4.54 -20.59
N SER D 126 17.57 -5.08 -19.47
CA SER D 126 18.21 -6.38 -19.40
C SER D 126 17.64 -7.16 -18.24
N GLY D 127 17.01 -6.46 -17.30
CA GLY D 127 16.46 -7.07 -16.11
C GLY D 127 17.45 -7.26 -14.99
N ASN D 128 18.69 -6.80 -15.16
CA ASN D 128 19.73 -7.03 -14.18
C ASN D 128 19.80 -5.93 -13.12
N TYR D 129 19.28 -4.74 -13.41
CA TYR D 129 19.43 -3.61 -12.51
C TYR D 129 18.13 -2.82 -12.40
N VAL D 130 18.00 -2.11 -11.29
CA VAL D 130 16.88 -1.20 -11.04
C VAL D 130 17.43 0.10 -10.48
N ALA D 131 16.82 1.21 -10.83
CA ALA D 131 17.28 2.51 -10.36
C ALA D 131 16.13 3.26 -9.69
N CYS D 132 16.48 4.09 -8.71
CA CYS D 132 15.49 4.95 -8.07
C CYS D 132 16.19 6.12 -7.40
N GLY D 133 15.43 7.19 -7.18
CA GLY D 133 15.97 8.38 -6.54
C GLY D 133 14.85 9.30 -6.15
N GLY D 134 15.24 10.43 -5.55
CA GLY D 134 14.26 11.39 -5.10
C GLY D 134 14.83 12.59 -4.36
N LEU D 135 14.23 12.93 -3.22
CA LEU D 135 14.60 14.14 -2.50
C LEU D 135 15.99 14.06 -1.87
N ASP D 136 16.62 12.90 -1.88
CA ASP D 136 17.99 12.76 -1.45
C ASP D 136 18.99 13.21 -2.50
N ASN D 137 18.53 13.53 -3.70
CA ASN D 137 19.36 14.05 -4.79
C ASN D 137 20.36 13.03 -5.32
N ILE D 138 20.16 11.74 -5.03
CA ILE D 138 21.05 10.68 -5.48
C ILE D 138 20.23 9.68 -6.30
N CYS D 139 20.91 9.03 -7.24
CA CYS D 139 20.32 7.95 -8.03
C CYS D 139 20.97 6.64 -7.61
N SER D 140 20.19 5.76 -7.01
CA SER D 140 20.68 4.49 -6.52
C SER D 140 20.38 3.39 -7.53
N ILE D 141 21.41 2.60 -7.83
CA ILE D 141 21.35 1.49 -8.76
C ILE D 141 21.51 0.21 -7.95
N TYR D 142 20.52 -0.68 -8.04
CA TYR D 142 20.46 -1.94 -7.32
C TYR D 142 20.65 -3.09 -8.30
N ASN D 143 21.49 -4.05 -7.91
CA ASN D 143 21.74 -5.25 -8.72
C ASN D 143 20.73 -6.32 -8.32
N LEU D 144 19.95 -6.79 -9.30
CA LEU D 144 18.92 -7.79 -9.03
C LEU D 144 19.43 -9.21 -9.09
N LYS D 145 20.61 -9.45 -9.67
CA LYS D 145 21.10 -10.80 -9.94
C LYS D 145 22.48 -10.92 -9.30
N THR D 146 22.51 -11.45 -8.08
CA THR D 146 23.74 -11.61 -7.31
C THR D 146 23.87 -13.05 -6.83
N ARG D 147 25.11 -13.47 -6.59
CA ARG D 147 25.35 -14.83 -6.12
C ARG D 147 24.81 -15.06 -4.72
N GLU D 148 24.68 -13.99 -3.92
CA GLU D 148 24.24 -14.16 -2.54
C GLU D 148 22.73 -14.30 -2.42
N GLY D 149 21.97 -13.99 -3.48
CA GLY D 149 20.54 -14.18 -3.48
C GLY D 149 19.73 -12.99 -3.04
N ASN D 150 20.37 -11.90 -2.63
CA ASN D 150 19.67 -10.70 -2.22
C ASN D 150 19.97 -9.57 -3.21
N VAL D 151 19.14 -8.53 -3.16
CA VAL D 151 19.34 -7.33 -3.95
C VAL D 151 20.27 -6.41 -3.18
N ARG D 152 21.33 -5.96 -3.84
CA ARG D 152 22.34 -5.12 -3.23
C ARG D 152 22.42 -3.78 -3.96
N VAL D 153 22.82 -2.75 -3.23
CA VAL D 153 23.04 -1.44 -3.82
C VAL D 153 24.33 -1.47 -4.62
N SER D 154 24.23 -1.35 -5.93
CA SER D 154 25.39 -1.41 -6.80
C SER D 154 26.10 -0.08 -6.92
N ARG D 155 25.34 1.03 -6.97
CA ARG D 155 25.96 2.33 -7.15
C ARG D 155 25.08 3.42 -6.55
N GLU D 156 25.73 4.49 -6.08
CA GLU D 156 25.06 5.70 -5.64
C GLU D 156 25.63 6.87 -6.42
N LEU D 157 24.84 7.41 -7.35
CA LEU D 157 25.27 8.49 -8.23
C LEU D 157 24.84 9.81 -7.61
N ALA D 158 25.81 10.58 -7.15
CA ALA D 158 25.60 11.88 -6.54
C ALA D 158 26.21 12.97 -7.41
N GLY D 159 25.66 14.17 -7.29
CA GLY D 159 26.12 15.28 -8.11
C GLY D 159 25.02 16.26 -8.48
N HIS D 160 23.76 15.84 -8.37
CA HIS D 160 22.67 16.78 -8.55
C HIS D 160 22.45 17.60 -7.29
N THR D 161 22.18 18.88 -7.48
CA THR D 161 21.89 19.80 -6.38
C THR D 161 20.42 19.91 -6.08
N GLY D 162 19.55 19.25 -6.85
CA GLY D 162 18.14 19.19 -6.58
C GLY D 162 17.61 17.78 -6.58
N TYR D 163 16.29 17.68 -6.46
CA TYR D 163 15.66 16.37 -6.36
C TYR D 163 15.70 15.65 -7.70
N LEU D 164 15.73 14.32 -7.63
CA LEU D 164 15.68 13.49 -8.83
C LEU D 164 14.22 13.31 -9.24
N SER D 165 13.92 13.67 -10.48
CA SER D 165 12.55 13.61 -10.98
C SER D 165 12.30 12.45 -11.94
N CYS D 166 13.32 11.99 -12.64
CA CYS D 166 13.17 10.86 -13.55
C CYS D 166 14.55 10.31 -13.88
N CYS D 167 14.60 9.01 -14.16
CA CYS D 167 15.83 8.34 -14.57
C CYS D 167 15.48 7.21 -15.52
N ARG D 168 16.33 7.02 -16.54
CA ARG D 168 16.11 5.99 -17.53
C ARG D 168 17.44 5.39 -17.93
N PHE D 169 17.52 4.05 -17.92
CA PHE D 169 18.70 3.35 -18.40
C PHE D 169 18.82 3.46 -19.92
N LEU D 170 20.04 3.62 -20.39
CA LEU D 170 20.38 3.38 -21.79
C LEU D 170 20.98 2.00 -21.99
N ASP D 171 21.82 1.57 -21.05
CA ASP D 171 22.35 0.22 -21.01
C ASP D 171 22.69 -0.07 -19.55
N ASP D 172 23.43 -1.14 -19.31
CA ASP D 172 23.78 -1.49 -17.94
C ASP D 172 24.76 -0.50 -17.32
N ASN D 173 25.41 0.33 -18.13
CA ASN D 173 26.48 1.19 -17.65
C ASN D 173 26.20 2.67 -17.93
N GLN D 174 25.04 3.01 -18.48
CA GLN D 174 24.68 4.40 -18.74
C GLN D 174 23.27 4.66 -18.26
N ILE D 175 23.09 5.78 -17.55
CA ILE D 175 21.76 6.19 -17.10
C ILE D 175 21.63 7.70 -17.24
N VAL D 176 20.47 8.16 -17.71
CA VAL D 176 20.17 9.58 -17.84
C VAL D 176 19.22 9.96 -16.72
N THR D 177 19.49 11.11 -16.09
CA THR D 177 18.71 11.59 -14.96
C THR D 177 18.31 13.05 -15.17
N SER D 178 17.20 13.43 -14.54
CA SER D 178 16.69 14.79 -14.55
C SER D 178 16.48 15.24 -13.11
N SER D 179 16.78 16.50 -12.83
CA SER D 179 16.86 16.98 -11.45
C SER D 179 16.02 18.22 -11.25
N GLY D 180 15.72 18.50 -9.98
CA GLY D 180 15.05 19.74 -9.62
C GLY D 180 15.86 20.97 -9.97
N ASP D 181 17.17 20.91 -9.78
CA ASP D 181 18.04 21.87 -10.43
C ASP D 181 17.90 21.71 -11.94
N THR D 182 17.95 22.84 -12.64
CA THR D 182 17.52 22.90 -14.03
C THR D 182 18.55 22.22 -14.94
N THR D 183 18.76 20.93 -14.71
CA THR D 183 19.82 20.20 -15.40
C THR D 183 19.45 18.73 -15.54
N CYS D 184 19.88 18.14 -16.66
CA CYS D 184 19.89 16.70 -16.85
C CYS D 184 21.33 16.23 -16.91
N ALA D 185 21.55 14.95 -16.63
CA ALA D 185 22.89 14.39 -16.59
C ALA D 185 22.89 13.01 -17.22
N LEU D 186 24.03 12.64 -17.79
CA LEU D 186 24.28 11.28 -18.26
C LEU D 186 25.42 10.71 -17.42
N TRP D 187 25.16 9.55 -16.81
CA TRP D 187 26.06 8.95 -15.84
C TRP D 187 26.61 7.64 -16.38
N ASP D 188 27.92 7.50 -16.29
CA ASP D 188 28.59 6.21 -16.31
C ASP D 188 28.42 5.54 -14.96
N ILE D 189 27.97 4.29 -14.97
CA ILE D 189 27.65 3.60 -13.73
C ILE D 189 28.91 3.04 -13.08
N GLU D 190 29.77 2.37 -13.84
CA GLU D 190 31.04 1.89 -13.24
C GLU D 190 31.72 3.03 -12.48
N THR D 191 32.16 4.08 -13.18
CA THR D 191 32.91 5.20 -12.55
C THR D 191 32.09 5.96 -11.51
N GLY D 192 30.81 6.23 -11.77
CA GLY D 192 29.99 7.05 -10.86
C GLY D 192 30.19 8.53 -11.13
N GLN D 193 30.26 8.92 -12.40
CA GLN D 193 30.54 10.30 -12.80
C GLN D 193 29.59 10.73 -13.89
N GLN D 194 29.30 12.03 -13.90
CA GLN D 194 28.56 12.62 -15.00
C GLN D 194 29.46 12.78 -16.22
N THR D 195 29.09 12.13 -17.31
CA THR D 195 29.81 12.26 -18.56
C THR D 195 29.40 13.49 -19.35
N THR D 196 28.12 13.86 -19.32
CA THR D 196 27.66 15.06 -20.00
C THR D 196 26.46 15.61 -19.27
N THR D 197 26.44 16.93 -19.13
CA THR D 197 25.36 17.64 -18.48
C THR D 197 24.62 18.50 -19.50
N PHE D 198 23.31 18.62 -19.29
CA PHE D 198 22.41 19.36 -20.16
C PHE D 198 21.82 20.49 -19.32
N THR D 199 22.08 21.74 -19.72
CA THR D 199 22.01 22.88 -18.82
C THR D 199 21.13 24.01 -19.34
N GLY D 200 20.28 23.73 -20.32
CA GLY D 200 19.50 24.78 -20.96
C GLY D 200 18.22 25.22 -20.28
N HIS D 201 17.65 24.41 -19.39
CA HIS D 201 16.35 24.74 -18.82
C HIS D 201 16.48 25.88 -17.81
N THR D 202 15.38 26.60 -17.64
CA THR D 202 15.28 27.67 -16.65
C THR D 202 14.41 27.28 -15.46
N GLY D 203 13.85 26.07 -15.45
CA GLY D 203 13.04 25.59 -14.34
C GLY D 203 13.30 24.12 -14.09
N ASP D 204 12.68 23.61 -13.03
CA ASP D 204 12.87 22.22 -12.66
C ASP D 204 12.48 21.30 -13.82
N VAL D 205 13.32 20.31 -14.09
CA VAL D 205 13.03 19.29 -15.09
C VAL D 205 12.25 18.19 -14.41
N MET D 206 11.05 17.93 -14.91
CA MET D 206 10.12 17.02 -14.24
C MET D 206 10.05 15.65 -14.87
N SER D 207 10.24 15.54 -16.18
CA SER D 207 10.07 14.29 -16.88
C SER D 207 11.26 14.05 -17.80
N LEU D 208 11.28 12.88 -18.39
CA LEU D 208 12.42 12.43 -19.19
C LEU D 208 11.99 11.23 -20.01
N SER D 209 12.18 11.28 -21.31
CA SER D 209 11.83 10.19 -22.20
C SER D 209 12.96 9.93 -23.18
N LEU D 210 13.36 8.67 -23.30
CA LEU D 210 14.40 8.27 -24.24
C LEU D 210 13.79 7.89 -25.58
N ALA D 211 14.49 8.25 -26.65
CA ALA D 211 14.07 7.84 -27.97
C ALA D 211 14.24 6.32 -28.12
N PRO D 212 13.46 5.70 -29.01
CA PRO D 212 13.61 4.24 -29.20
C PRO D 212 15.01 3.84 -29.59
N ASP D 213 15.73 4.71 -30.31
CA ASP D 213 17.10 4.43 -30.76
C ASP D 213 18.16 4.84 -29.74
N THR D 214 17.76 5.50 -28.66
CA THR D 214 18.68 5.84 -27.57
C THR D 214 19.82 6.72 -28.09
N ARG D 215 19.48 7.64 -28.99
CA ARG D 215 20.40 8.66 -29.46
C ARG D 215 19.97 10.07 -29.11
N LEU D 216 18.68 10.27 -28.86
CA LEU D 216 18.14 11.56 -28.46
C LEU D 216 17.28 11.35 -27.22
N PHE D 217 16.96 12.44 -26.52
CA PHE D 217 15.95 12.35 -25.48
C PHE D 217 15.32 13.72 -25.24
N VAL D 218 14.06 13.70 -24.85
CA VAL D 218 13.28 14.91 -24.64
C VAL D 218 13.01 15.07 -23.15
N SER D 219 13.19 16.31 -22.67
CA SER D 219 12.96 16.63 -21.26
C SER D 219 11.99 17.79 -21.15
N GLY D 220 11.00 17.64 -20.29
CA GLY D 220 10.03 18.69 -20.02
C GLY D 220 10.29 19.32 -18.67
N ALA D 221 10.13 20.64 -18.61
CA ALA D 221 10.55 21.40 -17.43
C ALA D 221 9.40 22.26 -16.93
N CYS D 222 9.59 22.80 -15.72
CA CYS D 222 8.64 23.72 -15.12
C CYS D 222 8.61 25.07 -15.80
N ASP D 223 9.55 25.33 -16.70
CA ASP D 223 9.54 26.53 -17.53
C ASP D 223 8.52 26.45 -18.67
N ALA D 224 7.63 25.45 -18.64
CA ALA D 224 6.62 25.27 -19.67
C ALA D 224 7.27 25.08 -21.03
N SER D 225 8.38 24.36 -21.05
CA SER D 225 9.06 24.06 -22.30
C SER D 225 9.62 22.65 -22.26
N ALA D 226 9.72 22.05 -23.43
CA ALA D 226 10.38 20.77 -23.62
C ALA D 226 11.60 20.99 -24.50
N LYS D 227 12.61 20.16 -24.31
CA LYS D 227 13.84 20.28 -25.07
C LYS D 227 14.29 18.93 -25.57
N LEU D 228 14.62 18.88 -26.86
CA LEU D 228 15.20 17.71 -27.50
C LEU D 228 16.71 17.84 -27.45
N TRP D 229 17.35 16.85 -26.84
CA TRP D 229 18.78 16.80 -26.56
C TRP D 229 19.43 15.65 -27.30
N ASP D 230 20.69 15.85 -27.68
CA ASP D 230 21.53 14.82 -28.28
C ASP D 230 22.41 14.22 -27.19
N VAL D 231 22.29 12.91 -26.99
CA VAL D 231 23.00 12.26 -25.89
C VAL D 231 24.51 12.33 -26.10
N ARG D 232 24.98 11.97 -27.29
CA ARG D 232 26.41 11.92 -27.53
C ARG D 232 27.04 13.30 -27.59
N GLU D 233 26.44 14.22 -28.34
CA GLU D 233 27.05 15.54 -28.52
C GLU D 233 26.82 16.44 -27.30
N GLY D 234 25.68 16.31 -26.64
CA GLY D 234 25.46 17.00 -25.39
C GLY D 234 24.98 18.43 -25.49
N MET D 235 24.15 18.68 -26.48
CA MET D 235 23.65 20.06 -26.74
C MET D 235 22.15 20.02 -27.03
N CYS D 236 21.43 21.07 -26.66
CA CYS D 236 20.01 21.15 -26.97
C CYS D 236 19.82 21.29 -28.47
N ARG D 237 19.24 20.28 -29.09
CA ARG D 237 18.94 20.33 -30.51
C ARG D 237 17.70 21.17 -30.79
N GLN D 238 16.64 21.03 -30.00
CA GLN D 238 15.42 21.78 -30.26
C GLN D 238 14.73 22.16 -28.97
N THR D 239 13.92 23.21 -29.03
CA THR D 239 13.10 23.67 -27.91
C THR D 239 11.67 23.86 -28.39
N PHE D 240 10.73 23.29 -27.63
CA PHE D 240 9.32 23.30 -27.96
C PHE D 240 8.56 24.01 -26.86
N THR D 241 7.70 24.95 -27.24
CA THR D 241 6.88 25.73 -26.33
C THR D 241 5.42 25.59 -26.69
N GLY D 242 4.57 26.19 -25.86
CA GLY D 242 3.14 26.18 -26.08
C GLY D 242 2.34 25.97 -24.81
N HIS D 243 2.90 25.22 -23.87
CA HIS D 243 2.22 25.01 -22.60
C HIS D 243 2.23 26.29 -21.77
N GLU D 244 1.17 26.47 -20.99
CA GLU D 244 1.03 27.65 -20.14
C GLU D 244 1.58 27.43 -18.74
N SER D 245 1.49 26.22 -18.22
CA SER D 245 2.07 25.86 -16.94
C SER D 245 3.14 24.80 -17.14
N ASP D 246 3.59 24.27 -16.01
CA ASP D 246 4.71 23.28 -16.00
C ASP D 246 4.35 22.00 -16.70
N ILE D 247 5.37 21.33 -17.23
CA ILE D 247 5.18 20.02 -17.86
C ILE D 247 5.57 18.95 -16.87
N ASN D 248 4.65 18.04 -16.57
CA ASN D 248 4.89 16.98 -15.62
C ASN D 248 5.26 15.66 -16.26
N ALA D 249 4.79 15.39 -17.48
CA ALA D 249 5.01 14.12 -18.13
C ALA D 249 5.42 14.34 -19.57
N ILE D 250 6.13 13.36 -20.13
CA ILE D 250 6.59 13.42 -21.51
C ILE D 250 6.82 11.99 -21.99
N CYS D 251 6.54 11.75 -23.26
CA CYS D 251 6.70 10.42 -23.83
C CYS D 251 6.96 10.54 -25.33
N PHE D 252 7.81 9.65 -25.84
CA PHE D 252 8.11 9.61 -27.26
C PHE D 252 7.06 8.81 -28.01
N PHE D 253 6.70 9.29 -29.20
CA PHE D 253 5.90 8.50 -30.11
C PHE D 253 6.69 7.28 -30.54
N PRO D 254 6.04 6.15 -30.84
CA PRO D 254 6.79 4.92 -31.10
C PRO D 254 7.85 5.03 -32.18
N ASN D 255 7.64 5.84 -33.22
CA ASN D 255 8.63 5.96 -34.28
C ASN D 255 9.76 6.93 -33.95
N GLY D 256 9.67 7.65 -32.85
CA GLY D 256 10.71 8.56 -32.45
C GLY D 256 10.72 9.91 -33.14
N ASN D 257 9.74 10.18 -34.00
CA ASN D 257 9.65 11.44 -34.70
C ASN D 257 8.66 12.40 -34.07
N ALA D 258 8.05 12.03 -32.95
CA ALA D 258 7.09 12.88 -32.27
C ALA D 258 7.08 12.52 -30.80
N PHE D 259 6.53 13.42 -29.99
CA PHE D 259 6.42 13.16 -28.56
C PHE D 259 5.24 13.94 -27.98
N ALA D 260 4.71 13.42 -26.88
CA ALA D 260 3.56 13.99 -26.21
C ALA D 260 3.95 14.47 -24.82
N THR D 261 3.41 15.63 -24.44
CA THR D 261 3.68 16.24 -23.15
C THR D 261 2.37 16.54 -22.43
N GLY D 262 2.38 16.39 -21.13
CA GLY D 262 1.22 16.72 -20.31
C GLY D 262 1.59 17.76 -19.28
N SER D 263 0.69 18.70 -19.05
CA SER D 263 0.99 19.86 -18.22
C SER D 263 -0.05 20.02 -17.13
N ASP D 264 0.17 21.02 -16.28
CA ASP D 264 -0.80 21.45 -15.28
C ASP D 264 -1.90 22.33 -15.88
N ASP D 265 -1.84 22.62 -17.17
CA ASP D 265 -2.92 23.30 -17.87
C ASP D 265 -4.10 22.39 -18.12
N ALA D 266 -4.09 21.17 -17.58
CA ALA D 266 -5.09 20.17 -17.89
C ALA D 266 -5.09 19.86 -19.38
N THR D 267 -3.92 19.94 -20.00
CA THR D 267 -3.78 19.75 -21.43
C THR D 267 -2.59 18.85 -21.74
N CYS D 268 -2.76 18.02 -22.77
CA CYS D 268 -1.65 17.32 -23.40
C CYS D 268 -1.43 17.92 -24.78
N ARG D 269 -0.21 17.80 -25.28
CA ARG D 269 0.14 18.31 -26.60
C ARG D 269 1.09 17.36 -27.30
N LEU D 270 0.84 17.14 -28.58
CA LEU D 270 1.67 16.32 -29.43
C LEU D 270 2.50 17.22 -30.33
N PHE D 271 3.83 17.06 -30.26
CA PHE D 271 4.81 17.81 -31.02
C PHE D 271 5.53 16.89 -31.99
N ASP D 272 5.93 17.44 -33.13
CA ASP D 272 6.71 16.73 -34.14
C ASP D 272 8.10 17.35 -34.23
N LEU D 273 9.13 16.50 -34.26
CA LEU D 273 10.49 16.99 -34.25
C LEU D 273 10.91 17.60 -35.58
N ARG D 274 10.58 16.94 -36.69
CA ARG D 274 11.02 17.40 -38.00
C ARG D 274 10.31 18.67 -38.45
N ALA D 275 9.01 18.78 -38.21
CA ALA D 275 8.30 20.03 -38.44
C ALA D 275 8.64 21.09 -37.39
N ASP D 276 9.07 20.67 -36.21
CA ASP D 276 9.58 21.58 -35.19
C ASP D 276 8.49 22.52 -34.69
N GLN D 277 7.34 21.95 -34.35
CA GLN D 277 6.27 22.71 -33.73
C GLN D 277 5.20 21.75 -33.25
N GLU D 278 4.17 22.31 -32.61
CA GLU D 278 3.08 21.52 -32.09
C GLU D 278 2.20 21.03 -33.23
N LEU D 279 1.75 19.78 -33.12
CA LEU D 279 0.76 19.23 -34.03
C LEU D 279 -0.63 19.21 -33.45
N MET D 280 -0.79 18.80 -32.20
CA MET D 280 -2.16 18.62 -31.70
C MET D 280 -2.23 18.95 -30.21
N THR D 281 -3.45 19.25 -29.76
CA THR D 281 -3.74 19.54 -28.36
C THR D 281 -4.94 18.72 -27.90
N TYR D 282 -4.77 18.04 -26.77
CA TYR D 282 -5.81 17.20 -26.17
C TYR D 282 -6.28 17.88 -24.89
N SER D 283 -7.53 18.32 -24.88
CA SER D 283 -8.11 19.02 -23.77
C SER D 283 -9.63 18.92 -23.87
N HIS D 284 -10.29 19.15 -22.74
CA HIS D 284 -11.74 19.12 -22.68
C HIS D 284 -12.21 20.08 -21.60
N ASP D 285 -13.36 20.71 -21.84
CA ASP D 285 -13.85 21.73 -20.92
C ASP D 285 -14.14 21.16 -19.53
N ASN D 286 -14.47 19.88 -19.43
CA ASN D 286 -14.79 19.26 -18.15
C ASN D 286 -13.55 18.84 -17.37
N ILE D 287 -12.36 18.99 -17.96
CA ILE D 287 -11.11 18.63 -17.32
C ILE D 287 -10.41 19.93 -16.96
N ILE D 288 -10.19 20.15 -15.66
CA ILE D 288 -9.54 21.35 -15.15
C ILE D 288 -8.37 21.02 -14.24
N CYS D 289 -7.96 19.77 -14.19
CA CYS D 289 -6.89 19.30 -13.32
C CYS D 289 -5.67 18.90 -14.15
N GLY D 290 -4.51 19.00 -13.53
CA GLY D 290 -3.27 18.72 -14.22
C GLY D 290 -3.12 17.26 -14.58
N ILE D 291 -2.16 17.00 -15.47
CA ILE D 291 -1.86 15.67 -15.95
C ILE D 291 -0.60 15.19 -15.25
N THR D 292 -0.67 14.00 -14.66
CA THR D 292 0.47 13.41 -13.98
C THR D 292 1.31 12.53 -14.89
N SER D 293 0.70 11.81 -15.83
CA SER D 293 1.46 10.83 -16.60
C SER D 293 0.92 10.73 -18.01
N VAL D 294 1.79 10.33 -18.93
CA VAL D 294 1.45 10.19 -20.35
C VAL D 294 2.17 8.97 -20.90
N SER D 295 1.49 8.25 -21.79
CA SER D 295 2.10 7.13 -22.49
C SER D 295 1.35 6.89 -23.79
N PHE D 296 1.98 6.15 -24.69
CA PHE D 296 1.40 5.77 -25.95
C PHE D 296 1.14 4.27 -25.96
N SER D 297 0.17 3.84 -26.76
CA SER D 297 0.02 2.44 -27.06
C SER D 297 0.87 2.09 -28.28
N LYS D 298 1.16 0.80 -28.41
CA LYS D 298 1.91 0.35 -29.59
C LYS D 298 1.18 0.80 -30.85
N SER D 299 1.96 1.29 -31.81
CA SER D 299 1.42 1.88 -33.03
C SER D 299 0.92 3.31 -32.80
N GLY D 300 0.94 3.76 -31.55
CA GLY D 300 0.75 5.16 -31.25
C GLY D 300 -0.62 5.74 -31.55
N ARG D 301 -1.62 4.90 -31.82
CA ARG D 301 -2.95 5.44 -32.10
C ARG D 301 -3.62 5.97 -30.84
N LEU D 302 -3.39 5.33 -29.71
CA LEU D 302 -3.99 5.72 -28.45
C LEU D 302 -2.98 6.42 -27.57
N LEU D 303 -3.44 7.44 -26.85
CA LEU D 303 -2.63 8.20 -25.92
C LEU D 303 -3.28 8.16 -24.55
N LEU D 304 -2.63 7.50 -23.60
CA LEU D 304 -3.16 7.33 -22.26
C LEU D 304 -2.56 8.39 -21.35
N ALA D 305 -3.41 9.07 -20.59
CA ALA D 305 -2.97 10.13 -19.70
C ALA D 305 -3.60 9.96 -18.33
N GLY D 306 -2.75 9.90 -17.30
CA GLY D 306 -3.22 9.84 -15.93
C GLY D 306 -3.28 11.23 -15.32
N TYR D 307 -4.44 11.56 -14.75
CA TYR D 307 -4.80 12.90 -14.31
C TYR D 307 -4.85 12.97 -12.79
N ASP D 308 -5.14 14.18 -12.29
CA ASP D 308 -5.24 14.40 -10.86
C ASP D 308 -6.63 14.15 -10.31
N ASP D 309 -7.63 13.92 -11.16
CA ASP D 309 -9.00 13.65 -10.73
C ASP D 309 -9.25 12.16 -10.52
N PHE D 310 -8.20 11.39 -10.22
CA PHE D 310 -8.32 9.97 -9.92
C PHE D 310 -8.71 9.17 -11.15
N ASN D 311 -8.30 9.65 -12.32
CA ASN D 311 -8.79 9.09 -13.57
C ASN D 311 -7.64 8.97 -14.57
N CYS D 312 -7.86 8.16 -15.59
CA CYS D 312 -6.93 8.05 -16.71
C CYS D 312 -7.74 8.07 -17.99
N ASN D 313 -7.51 9.10 -18.81
CA ASN D 313 -8.24 9.28 -20.05
C ASN D 313 -7.47 8.69 -21.21
N VAL D 314 -8.21 8.06 -22.12
CA VAL D 314 -7.65 7.47 -23.33
C VAL D 314 -8.09 8.34 -24.50
N TRP D 315 -7.12 8.92 -25.20
CA TRP D 315 -7.35 9.81 -26.31
C TRP D 315 -6.97 9.12 -27.61
N ASP D 316 -7.61 9.50 -28.70
CA ASP D 316 -7.16 9.08 -30.01
C ASP D 316 -6.07 10.03 -30.48
N ALA D 317 -4.85 9.51 -30.65
CA ALA D 317 -3.71 10.36 -30.94
C ALA D 317 -3.84 11.11 -32.26
N LEU D 318 -4.60 10.56 -33.23
CA LEU D 318 -4.77 11.22 -34.52
C LEU D 318 -5.96 12.16 -34.55
N LYS D 319 -6.99 11.89 -33.75
CA LYS D 319 -8.16 12.74 -33.61
C LYS D 319 -8.32 13.10 -32.15
N ALA D 320 -8.48 14.40 -31.86
CA ALA D 320 -8.49 14.85 -30.48
C ALA D 320 -9.53 14.14 -29.63
N ASP D 321 -10.52 13.49 -30.24
CA ASP D 321 -11.56 12.82 -29.49
C ASP D 321 -11.07 11.91 -28.36
N ARG D 322 -11.88 11.79 -27.33
CA ARG D 322 -11.60 10.89 -26.22
C ARG D 322 -12.24 9.53 -26.47
N ALA D 323 -11.45 8.46 -26.28
CA ALA D 323 -11.87 7.12 -26.63
C ALA D 323 -12.45 6.47 -25.38
N GLY D 324 -11.78 6.52 -24.24
CA GLY D 324 -12.23 5.83 -23.05
C GLY D 324 -11.84 6.53 -21.75
N VAL D 325 -12.14 5.85 -20.65
CA VAL D 325 -11.87 6.33 -19.31
C VAL D 325 -11.55 5.13 -18.44
N LEU D 326 -10.35 5.14 -17.86
CA LEU D 326 -9.92 4.05 -16.93
C LEU D 326 -10.23 4.51 -15.51
N ALA D 327 -11.49 4.43 -15.11
CA ALA D 327 -11.93 4.77 -13.74
C ALA D 327 -11.56 3.63 -12.80
N GLY D 328 -11.67 3.82 -11.49
CA GLY D 328 -11.22 2.76 -10.55
C GLY D 328 -10.10 3.14 -9.60
N HIS D 329 -9.61 4.38 -9.61
CA HIS D 329 -8.63 4.79 -8.58
C HIS D 329 -9.31 5.78 -7.63
N ASP D 330 -9.12 5.64 -6.31
CA ASP D 330 -9.70 6.53 -5.32
C ASP D 330 -8.83 7.71 -4.98
N ASN D 331 -7.63 7.79 -5.56
CA ASN D 331 -6.79 8.96 -5.44
C ASN D 331 -6.13 9.19 -6.80
N ARG D 332 -5.36 10.26 -6.91
CA ARG D 332 -4.86 10.68 -8.22
C ARG D 332 -3.94 9.61 -8.81
N VAL D 333 -4.07 9.42 -10.12
CA VAL D 333 -3.21 8.50 -10.84
C VAL D 333 -1.85 9.14 -11.04
N SER D 334 -0.85 8.61 -10.35
CA SER D 334 0.48 9.22 -10.34
C SER D 334 1.37 8.72 -11.47
N CYS D 335 1.13 7.52 -11.98
CA CYS D 335 1.99 7.00 -13.05
C CYS D 335 1.23 5.95 -13.83
N LEU D 336 1.70 5.72 -15.05
CA LEU D 336 1.20 4.61 -15.84
C LEU D 336 2.27 4.21 -16.86
N GLY D 337 2.09 3.01 -17.41
CA GLY D 337 3.00 2.48 -18.39
C GLY D 337 2.32 1.44 -19.25
N VAL D 338 2.85 1.27 -20.45
CA VAL D 338 2.36 0.29 -21.41
C VAL D 338 3.46 -0.71 -21.69
N THR D 339 3.09 -1.98 -21.78
CA THR D 339 4.06 -3.03 -21.99
C THR D 339 4.70 -2.92 -23.37
N ASP D 340 5.88 -3.52 -23.52
CA ASP D 340 6.56 -3.52 -24.80
C ASP D 340 5.78 -4.31 -25.84
N ASP D 341 4.99 -5.29 -25.42
CA ASP D 341 4.14 -6.04 -26.33
C ASP D 341 2.77 -5.41 -26.50
N GLY D 342 2.44 -4.38 -25.74
CA GLY D 342 1.18 -3.67 -25.88
C GLY D 342 -0.02 -4.38 -25.30
N MET D 343 0.18 -5.42 -24.49
CA MET D 343 -0.95 -6.22 -24.02
C MET D 343 -1.72 -5.52 -22.91
N ALA D 344 -1.04 -4.83 -22.01
CA ALA D 344 -1.67 -4.34 -20.79
C ALA D 344 -1.24 -2.91 -20.53
N VAL D 345 -1.94 -2.28 -19.59
CA VAL D 345 -1.62 -0.93 -19.12
C VAL D 345 -1.60 -0.96 -17.60
N ALA D 346 -0.48 -0.53 -17.02
CA ALA D 346 -0.33 -0.45 -15.58
C ALA D 346 -0.55 0.98 -15.14
N THR D 347 -1.35 1.17 -14.10
CA THR D 347 -1.59 2.49 -13.52
C THR D 347 -1.40 2.43 -12.01
N GLY D 348 -0.55 3.31 -11.50
CA GLY D 348 -0.38 3.46 -10.08
C GLY D 348 -0.82 4.83 -9.62
N SER D 349 -1.44 4.87 -8.44
CA SER D 349 -2.09 6.06 -7.92
C SER D 349 -1.56 6.36 -6.52
N TRP D 350 -1.97 7.52 -6.01
CA TRP D 350 -1.66 7.91 -4.64
C TRP D 350 -2.40 7.06 -3.62
N ASP D 351 -3.47 6.38 -4.03
CA ASP D 351 -3.91 5.20 -3.30
C ASP D 351 -2.83 4.14 -3.43
N SER D 352 -2.69 3.32 -2.40
CA SER D 352 -1.56 2.39 -2.31
C SER D 352 -1.56 1.32 -3.39
N PHE D 353 -2.55 1.31 -4.29
CA PHE D 353 -2.72 0.24 -5.24
C PHE D 353 -2.23 0.64 -6.62
N LEU D 354 -1.91 -0.37 -7.42
CA LEU D 354 -1.72 -0.18 -8.85
C LEU D 354 -2.40 -1.33 -9.58
N LYS D 355 -3.05 -1.00 -10.68
CA LYS D 355 -3.93 -1.92 -11.39
C LYS D 355 -3.40 -2.15 -12.80
N ILE D 356 -3.75 -3.32 -13.34
CA ILE D 356 -3.39 -3.70 -14.70
C ILE D 356 -4.68 -3.77 -15.50
N TRP D 357 -4.66 -3.20 -16.69
CA TRP D 357 -5.84 -2.97 -17.51
C TRP D 357 -5.65 -3.61 -18.87
N ASN D 358 -6.74 -4.11 -19.42
CA ASN D 358 -6.68 -4.76 -20.73
C ASN D 358 -7.97 -4.57 -21.52
N SER E 8 26.45 39.34 -16.83
CA SER E 8 25.30 38.77 -17.51
C SER E 8 25.53 38.70 -19.02
N ILE E 9 26.66 39.25 -19.48
CA ILE E 9 26.97 39.24 -20.90
C ILE E 9 27.18 37.81 -21.38
N ALA E 10 27.85 36.99 -20.58
CA ALA E 10 28.10 35.61 -20.98
C ALA E 10 26.81 34.83 -21.18
N GLN E 11 25.85 34.99 -20.27
CA GLN E 11 24.58 34.29 -20.40
C GLN E 11 23.82 34.76 -21.63
N ALA E 12 23.83 36.06 -21.91
CA ALA E 12 23.17 36.56 -23.11
C ALA E 12 23.83 36.00 -24.37
N ARG E 13 25.16 35.94 -24.38
CA ARG E 13 25.85 35.37 -25.52
C ARG E 13 25.49 33.90 -25.70
N LYS E 14 25.40 33.16 -24.60
CA LYS E 14 25.01 31.75 -24.69
C LYS E 14 23.60 31.62 -25.26
N LEU E 15 22.67 32.45 -24.79
CA LEU E 15 21.31 32.40 -25.30
C LEU E 15 21.28 32.71 -26.81
N VAL E 16 22.05 33.71 -27.22
CA VAL E 16 22.06 34.08 -28.64
C VAL E 16 22.64 32.96 -29.48
N GLU E 17 23.72 32.34 -29.02
CA GLU E 17 24.31 31.23 -29.78
C GLU E 17 23.35 30.06 -29.88
N GLN E 18 22.66 29.74 -28.79
CA GLN E 18 21.68 28.65 -28.82
C GLN E 18 20.54 28.97 -29.77
N LEU E 19 20.06 30.21 -29.77
CA LEU E 19 19.03 30.60 -30.71
C LEU E 19 19.51 30.47 -32.14
N LYS E 20 20.76 30.85 -32.39
CA LYS E 20 21.32 30.70 -33.74
C LYS E 20 21.33 29.24 -34.16
N MET E 21 21.77 28.35 -33.27
CA MET E 21 21.82 26.93 -33.62
C MET E 21 20.41 26.38 -33.86
N GLU E 22 19.44 26.77 -33.03
CA GLU E 22 18.09 26.26 -33.19
C GLU E 22 17.43 26.78 -34.47
N ALA E 23 17.65 28.06 -34.80
CA ALA E 23 17.03 28.62 -35.99
C ALA E 23 17.53 27.93 -37.26
N ASN E 24 18.82 27.61 -37.32
CA ASN E 24 19.42 27.06 -38.52
C ASN E 24 19.28 25.54 -38.56
N ILE E 25 18.05 25.09 -38.82
CA ILE E 25 17.76 23.67 -38.98
C ILE E 25 16.79 23.47 -40.13
N ASP E 26 16.82 22.27 -40.70
CA ASP E 26 15.88 21.92 -41.75
C ASP E 26 14.53 21.55 -41.16
N ARG E 27 13.46 21.99 -41.83
CA ARG E 27 12.10 21.72 -41.38
C ARG E 27 11.29 21.18 -42.55
N ILE E 28 10.28 20.38 -42.23
CA ILE E 28 9.38 19.81 -43.21
C ILE E 28 7.98 20.36 -42.97
N LYS E 29 7.14 20.24 -43.98
CA LYS E 29 5.76 20.72 -43.85
C LYS E 29 4.99 19.86 -42.86
N VAL E 30 4.02 20.49 -42.20
CA VAL E 30 3.23 19.77 -41.21
C VAL E 30 2.40 18.67 -41.87
N SER E 31 2.04 18.86 -43.15
CA SER E 31 1.30 17.83 -43.85
C SER E 31 2.10 16.54 -43.98
N LYS E 32 3.38 16.65 -44.29
CA LYS E 32 4.22 15.45 -44.40
C LYS E 32 4.32 14.73 -43.07
N ALA E 33 4.51 15.48 -41.98
CA ALA E 33 4.59 14.87 -40.66
C ALA E 33 3.28 14.18 -40.27
N ALA E 34 2.16 14.84 -40.53
CA ALA E 34 0.86 14.23 -40.22
C ALA E 34 0.65 12.96 -41.04
N ALA E 35 1.01 12.99 -42.32
CA ALA E 35 0.89 11.80 -43.14
C ALA E 35 1.76 10.67 -42.60
N ASP E 36 2.98 11.00 -42.16
CA ASP E 36 3.85 9.97 -41.62
C ASP E 36 3.29 9.37 -40.34
N LEU E 37 2.73 10.20 -39.46
CA LEU E 37 2.12 9.69 -38.23
C LEU E 37 0.94 8.77 -38.56
N MET E 38 0.09 9.20 -39.49
CA MET E 38 -1.03 8.35 -39.91
C MET E 38 -0.53 7.04 -40.47
N ALA E 39 0.51 7.08 -41.30
CA ALA E 39 1.04 5.87 -41.91
C ALA E 39 1.55 4.91 -40.85
N TYR E 40 2.29 5.43 -39.87
CA TYR E 40 2.78 4.55 -38.81
C TYR E 40 1.63 3.93 -38.04
N CYS E 41 0.60 4.72 -37.73
CA CYS E 41 -0.53 4.19 -37.00
C CYS E 41 -1.23 3.09 -37.79
N GLU E 42 -1.43 3.31 -39.09
CA GLU E 42 -2.15 2.33 -39.90
C GLU E 42 -1.32 1.06 -40.11
N ALA E 43 -0.02 1.21 -40.30
CA ALA E 43 0.83 0.05 -40.59
C ALA E 43 0.86 -0.93 -39.43
N HIS E 44 0.86 -0.42 -38.21
CA HIS E 44 0.99 -1.26 -37.01
C HIS E 44 -0.33 -1.47 -36.29
N ALA E 45 -1.47 -1.21 -36.95
CA ALA E 45 -2.76 -1.31 -36.28
C ALA E 45 -3.03 -2.74 -35.82
N LYS E 46 -2.74 -3.72 -36.68
CA LYS E 46 -3.05 -5.11 -36.36
C LYS E 46 -2.17 -5.66 -35.23
N GLU E 47 -1.08 -4.98 -34.91
CA GLU E 47 -0.18 -5.39 -33.83
C GLU E 47 -0.47 -4.69 -32.53
N ASP E 48 -1.57 -3.92 -32.43
CA ASP E 48 -1.91 -3.17 -31.23
C ASP E 48 -3.03 -3.90 -30.50
N PRO E 49 -2.74 -4.63 -29.42
CA PRO E 49 -3.82 -5.31 -28.69
C PRO E 49 -4.87 -4.38 -28.12
N LEU E 50 -4.51 -3.20 -27.66
CA LEU E 50 -5.47 -2.31 -27.03
C LEU E 50 -6.50 -1.77 -28.01
N LEU E 51 -6.11 -1.49 -29.26
CA LEU E 51 -7.10 -1.19 -30.28
C LEU E 51 -7.95 -2.39 -30.63
N THR E 52 -7.32 -3.56 -30.78
CA THR E 52 -7.99 -4.79 -31.21
C THR E 52 -7.93 -5.78 -30.06
N PRO E 53 -8.96 -5.83 -29.22
CA PRO E 53 -8.92 -6.75 -28.07
C PRO E 53 -8.55 -8.16 -28.51
N VAL E 54 -7.60 -8.75 -27.78
CA VAL E 54 -7.11 -10.09 -28.07
C VAL E 54 -8.09 -11.10 -27.49
N PRO E 55 -8.34 -12.22 -28.16
CA PRO E 55 -9.23 -13.23 -27.57
C PRO E 55 -8.68 -13.73 -26.23
N ALA E 56 -9.59 -14.10 -25.34
CA ALA E 56 -9.20 -14.50 -23.99
C ALA E 56 -8.18 -15.63 -24.02
N SER E 57 -8.22 -16.49 -25.03
CA SER E 57 -7.26 -17.59 -25.11
C SER E 57 -5.84 -17.09 -25.33
N GLU E 58 -5.66 -15.93 -25.96
CA GLU E 58 -4.35 -15.37 -26.23
C GLU E 58 -4.01 -14.19 -25.34
N ASN E 59 -4.80 -13.93 -24.30
CA ASN E 59 -4.57 -12.83 -23.39
C ASN E 59 -3.93 -13.35 -22.11
N PRO E 60 -2.68 -13.00 -21.80
CA PRO E 60 -2.09 -13.49 -20.55
C PRO E 60 -2.77 -12.99 -19.29
N PHE E 61 -3.55 -11.91 -19.38
CA PHE E 61 -4.28 -11.35 -18.24
C PHE E 61 -5.75 -11.66 -18.47
N ARG E 62 -6.24 -12.75 -17.91
CA ARG E 62 -7.62 -13.16 -18.08
C ARG E 62 -8.42 -12.89 -16.82
C1 XI9 F . -41.93 -9.24 25.11
C2 XI9 F . -43.33 -9.72 25.47
C3 XI9 F . -43.22 -11.08 26.10
C4 XI9 F . -41.76 -11.27 26.25
C5 XI9 F . -41.04 -10.29 25.72
C6 XI9 F . -39.72 -10.56 25.93
C7 XI9 F . -38.53 -9.83 25.56
C8 XI9 F . -43.88 -10.92 24.77
N1 XI9 F . -40.90 -12.16 26.79
N2 XI9 F . -39.63 -11.73 26.59
N3 XI9 F . -37.27 -10.21 25.81
N4 XI9 F . -36.45 -9.26 25.31
N5 XI9 F . -37.21 -8.35 24.78
N6 XI9 F . -38.51 -8.67 24.92
#